data_6PX1
#
_entry.id   6PX1
#
_cell.length_a   1.00
_cell.length_b   1.00
_cell.length_c   1.00
_cell.angle_alpha   90.00
_cell.angle_beta   90.00
_cell.angle_gamma   90.00
#
_symmetry.space_group_name_H-M   'P 1'
#
loop_
_entity.id
_entity.type
_entity.pdbx_description
1 polymer 'Histone H3'
2 polymer 'Histone H4'
3 polymer 'Ubiquitin-60S ribosomal protein L40,Histone H2A'
4 polymer 'Histone H2B 1.1'
5 polymer 'DNA (149-MER)'
6 polymer 'DNA (149-MER)'
#
loop_
_entity_poly.entity_id
_entity_poly.type
_entity_poly.pdbx_seq_one_letter_code
_entity_poly.pdbx_strand_id
1 'polypeptide(L)'
;MARTKQTARKSTGGKAPRKQLATKAARKSAPATGGVMKPHRYRPGTVALREIRRYQKSTELLIRKLPFQRLVREIAQDFK
TDLRFQSSAVMALQEASEAYLVALFEDTNLCAIHAKRVTIMPKDIQLARRIRGERA
;
A,E
2 'polypeptide(L)'
;MSGRGKGGKGLGKGGAKRHRKVLRDNIQGITKPAIRRLARRGGVKRISGLIYEETRGVLKVFLENVIRDAVTYTEHAKRK
TVTAMDVVYALKRQGRTLYGFGG
;
B,F
3 'polypeptide(L)'
;MDSPDLHHHHHHGTLVPRGSMQIFVKTLTGKTITLEVESSDTIDNVKSKIQDKEGIPPDQQRLIFAGKQLEDGRTLSDYN
IQKESTLHLVLRLRGTSSGGSGGSGGSGRSSRAGLQFPVGRVHRLLRKGNYAERVGAGAPVYLAAVLEYLTAEILELAGN
AARDNKKTRIIPRHLQLAVRNDEELNKLLGRVTIAQGGVLPNIQSVLLPKKTESSKSAKSK
;
C,G
4 'polypeptide(L)'
;MAKSAPAPKKGSKKAVTKTQKKDGKKRRKTRKESYAIYVYKVLKQVHPDTGISSKAMSIMNSFVNDVFERIAGEASRLAH
YNKRSTITSREIQTAVRLLLPGELAKHAVSEGTKAVTKYTSAK
;
D,H
5 'polydeoxyribonucleotide'
;(DC)(DT)(DG)(DG)(DA)(DG)(DA)(DA)(DT)(DC)(DC)(DC)(DG)(DG)(DT)(DG)(DC)(DC)(DG)(DA)
(DG)(DG)(DC)(DC)(DG)(DC)(DT)(DC)(DA)(DA)(DT)(DT)(DG)(DG)(DT)(DC)(DG)(DT)(DA)(DG)
(DA)(DC)(DA)(DG)(DC)(DT)(DC)(DT)(DA)(DG)(DC)(DA)(DC)(DC)(DG)(DC)(DT)(DT)(DA)(DA)
(DA)(DC)(DG)(DC)(DA)(DC)(DG)(DT)(DA)(DC)(DG)(DC)(DG)(DC)(DT)(DG)(DT)(DC)(DC)(DC)
(DC)(DC)(DG)(DC)(DG)(DT)(DT)(DT)(DT)(DA)(DA)(DC)(DC)(DG)(DC)(DC)(DA)(DA)(DG)(DG)
(DG)(DG)(DA)(DT)(DT)(DA)(DC)(DT)(DC)(DC)(DC)(DT)(DA)(DG)(DT)(DC)(DT)(DC)(DC)(DA)
(DG)(DG)(DC)(DA)(DC)(DG)(DT)(DG)(DT)(DC)(DA)(DG)(DA)(DT)(DA)(DT)(DA)(DT)(DA)(DC)
(DA)(DT)(DC)(DC)(DT)(DG)(DT)(DG)(DC)
;
I
6 'polydeoxyribonucleotide'
;(DG)(DC)(DA)(DC)(DA)(DG)(DG)(DA)(DT)(DG)(DT)(DA)(DT)(DA)(DT)(DA)(DT)(DC)(DT)(DG)
(DA)(DC)(DA)(DC)(DG)(DT)(DG)(DC)(DC)(DT)(DG)(DG)(DA)(DG)(DA)(DC)(DT)(DA)(DG)(DG)
(DG)(DA)(DG)(DT)(DA)(DA)(DT)(DC)(DC)(DC)(DC)(DT)(DT)(DG)(DG)(DC)(DG)(DG)(DT)(DT)
(DA)(DA)(DA)(DA)(DC)(DG)(DC)(DG)(DG)(DG)(DG)(DG)(DA)(DC)(DA)(DG)(DC)(DG)(DC)(DG)
(DT)(DA)(DC)(DG)(DT)(DG)(DC)(DG)(DT)(DT)(DT)(DA)(DA)(DG)(DC)(DG)(DG)(DT)(DG)(DC)
(DT)(DA)(DG)(DA)(DG)(DC)(DT)(DG)(DT)(DC)(DT)(DA)(DC)(DG)(DA)(DC)(DC)(DA)(DA)(DT)
(DT)(DG)(DA)(DG)(DC)(DG)(DG)(DC)(DC)(DT)(DC)(DG)(DG)(DC)(DA)(DC)(DC)(DG)(DG)(DG)
(DA)(DT)(DT)(DC)(DT)(DC)(DC)(DA)(DG)
;
J
#
# COMPACT_ATOMS: atom_id res chain seq x y z
N LYS A 38 26.51 -51.51 -5.97
CA LYS A 38 26.19 -50.14 -6.35
C LYS A 38 25.76 -49.31 -5.14
N PRO A 39 26.46 -48.20 -4.88
CA PRO A 39 26.00 -47.28 -3.84
C PRO A 39 24.69 -46.62 -4.23
N HIS A 40 23.87 -46.36 -3.21
CA HIS A 40 22.58 -45.73 -3.43
C HIS A 40 22.75 -44.27 -3.84
N ARG A 41 21.84 -43.81 -4.70
CA ARG A 41 21.91 -42.46 -5.26
C ARG A 41 20.50 -42.00 -5.60
N TYR A 42 20.08 -40.88 -5.05
CA TYR A 42 18.78 -40.34 -5.37
C TYR A 42 18.80 -39.61 -6.71
N ARG A 43 17.64 -39.65 -7.40
CA ARG A 43 17.52 -38.99 -8.70
C ARG A 43 17.35 -37.49 -8.52
N PRO A 44 17.76 -36.67 -9.50
CA PRO A 44 17.67 -35.21 -9.33
C PRO A 44 16.24 -34.71 -9.26
N GLY A 45 15.88 -34.14 -8.12
CA GLY A 45 14.53 -33.64 -7.87
C GLY A 45 13.83 -34.22 -6.66
N THR A 46 14.22 -35.41 -6.20
CA THR A 46 13.58 -35.99 -5.02
C THR A 46 14.02 -35.27 -3.74
N VAL A 47 15.34 -35.09 -3.56
CA VAL A 47 15.89 -34.42 -2.39
C VAL A 47 15.50 -32.94 -2.38
N ALA A 48 15.30 -32.35 -3.56
CA ALA A 48 14.86 -30.97 -3.62
C ALA A 48 13.44 -30.87 -3.08
N LEU A 49 12.57 -31.83 -3.45
CA LEU A 49 11.22 -31.86 -2.91
C LEU A 49 11.20 -32.22 -1.43
N ARG A 50 12.13 -33.08 -1.01
CA ARG A 50 12.30 -33.40 0.40
C ARG A 50 12.64 -32.19 1.22
N GLU A 51 13.54 -31.33 0.73
CA GLU A 51 13.83 -30.12 1.48
C GLU A 51 12.84 -29.00 1.26
N ILE A 52 12.02 -29.05 0.21
CA ILE A 52 10.84 -28.20 0.15
C ILE A 52 9.89 -28.55 1.29
N ARG A 53 9.60 -29.84 1.47
CA ARG A 53 8.74 -30.28 2.56
C ARG A 53 9.37 -30.07 3.93
N ARG A 54 10.70 -30.12 4.04
CA ARG A 54 11.35 -29.81 5.31
C ARG A 54 11.27 -28.33 5.65
N TYR A 55 11.68 -27.45 4.73
CA TYR A 55 11.73 -26.03 5.04
C TYR A 55 10.39 -25.33 4.92
N GLN A 56 9.37 -25.96 4.37
CA GLN A 56 8.03 -25.39 4.45
C GLN A 56 7.28 -25.85 5.68
N LYS A 57 7.92 -26.66 6.52
CA LYS A 57 7.37 -27.10 7.79
C LYS A 57 8.08 -26.47 8.97
N SER A 58 9.32 -26.06 8.81
CA SER A 58 10.10 -25.42 9.84
C SER A 58 9.72 -23.95 10.00
N THR A 59 10.12 -23.38 11.14
CA THR A 59 9.96 -21.96 11.40
C THR A 59 11.28 -21.21 11.59
N GLU A 60 12.42 -21.90 11.55
CA GLU A 60 13.69 -21.29 11.91
C GLU A 60 14.12 -20.24 10.89
N LEU A 61 15.21 -19.57 11.19
CA LEU A 61 15.80 -18.60 10.28
C LEU A 61 16.79 -19.32 9.39
N LEU A 62 16.73 -19.03 8.09
CA LEU A 62 17.45 -19.83 7.12
C LEU A 62 18.79 -19.21 6.74
N ILE A 63 19.02 -17.97 7.11
CA ILE A 63 20.33 -17.34 6.97
C ILE A 63 21.04 -17.43 8.30
N ARG A 64 22.37 -17.60 8.26
CA ARG A 64 23.16 -17.54 9.48
C ARG A 64 23.10 -16.13 10.07
N LYS A 65 23.19 -16.05 11.40
CA LYS A 65 22.87 -14.80 12.07
C LYS A 65 24.01 -13.79 12.00
N LEU A 66 25.26 -14.24 12.20
CA LEU A 66 26.40 -13.33 12.13
C LEU A 66 26.73 -12.78 10.74
N PRO A 67 26.68 -13.56 9.63
CA PRO A 67 26.82 -12.91 8.32
C PRO A 67 25.73 -11.89 7.99
N PHE A 68 24.49 -12.15 8.41
CA PHE A 68 23.44 -11.17 8.19
C PHE A 68 23.64 -9.92 9.05
N GLN A 69 24.12 -10.10 10.28
CA GLN A 69 24.39 -8.96 11.14
C GLN A 69 25.54 -8.13 10.60
N ARG A 70 26.58 -8.78 10.07
CA ARG A 70 27.68 -8.06 9.44
C ARG A 70 27.21 -7.33 8.18
N LEU A 71 26.30 -7.93 7.42
CA LEU A 71 25.76 -7.27 6.24
C LEU A 71 24.93 -6.04 6.62
N VAL A 72 24.14 -6.16 7.69
CA VAL A 72 23.34 -5.04 8.18
C VAL A 72 24.23 -3.90 8.63
N ARG A 73 25.29 -4.20 9.37
CA ARG A 73 26.19 -3.14 9.83
C ARG A 73 27.03 -2.55 8.69
N GLU A 74 27.31 -3.34 7.65
CA GLU A 74 27.98 -2.79 6.48
C GLU A 74 27.08 -1.85 5.71
N ILE A 75 25.80 -2.21 5.58
CA ILE A 75 24.85 -1.34 4.87
C ILE A 75 24.62 -0.07 5.68
N ALA A 76 24.47 -0.20 7.00
CA ALA A 76 24.23 0.96 7.85
C ALA A 76 25.47 1.83 8.02
N GLN A 77 26.64 1.38 7.59
CA GLN A 77 27.83 2.22 7.67
C GLN A 77 27.80 3.35 6.63
N ASP A 78 26.98 3.23 5.60
CA ASP A 78 26.87 4.25 4.56
C ASP A 78 25.80 5.29 4.86
N PHE A 79 25.21 5.27 6.04
CA PHE A 79 24.19 6.24 6.42
C PHE A 79 24.55 7.02 7.67
N LYS A 80 25.15 6.37 8.67
CA LYS A 80 25.64 7.05 9.85
C LYS A 80 26.74 6.20 10.46
N THR A 81 27.90 6.80 10.71
CA THR A 81 29.01 6.06 11.28
C THR A 81 28.83 5.85 12.77
N ASP A 82 29.41 4.75 13.27
CA ASP A 82 29.33 4.31 14.66
C ASP A 82 27.89 4.18 15.14
N LEU A 83 27.17 3.27 14.49
CA LEU A 83 25.81 2.93 14.89
C LEU A 83 25.84 1.68 15.74
N ARG A 84 24.87 1.59 16.65
CA ARG A 84 24.64 0.38 17.41
C ARG A 84 23.27 -0.18 17.07
N PHE A 85 23.14 -1.49 17.17
CA PHE A 85 21.90 -2.18 16.89
C PHE A 85 21.49 -2.98 18.13
N GLN A 86 20.20 -3.02 18.41
CA GLN A 86 19.73 -3.93 19.44
C GLN A 86 19.82 -5.37 18.95
N SER A 87 19.67 -6.31 19.89
CA SER A 87 19.65 -7.71 19.50
C SER A 87 18.37 -8.07 18.77
N SER A 88 17.28 -7.38 19.07
CA SER A 88 16.01 -7.62 18.39
C SER A 88 15.86 -6.84 17.10
N ALA A 89 16.64 -5.78 16.89
CA ALA A 89 16.57 -5.05 15.63
C ALA A 89 17.11 -5.86 14.46
N VAL A 90 18.24 -6.55 14.68
CA VAL A 90 18.79 -7.38 13.61
C VAL A 90 17.95 -8.63 13.42
N MET A 91 17.29 -9.09 14.49
CA MET A 91 16.35 -10.21 14.33
C MET A 91 15.11 -9.79 13.55
N ALA A 92 14.60 -8.57 13.79
CA ALA A 92 13.47 -8.07 13.02
C ALA A 92 13.84 -7.86 11.55
N LEU A 93 15.07 -7.38 11.30
CA LEU A 93 15.52 -7.21 9.92
C LEU A 93 15.69 -8.57 9.25
N GLN A 94 16.14 -9.58 9.99
CA GLN A 94 16.31 -10.90 9.39
C GLN A 94 14.97 -11.58 9.11
N GLU A 95 14.01 -11.42 10.02
CA GLU A 95 12.67 -11.97 9.78
C GLU A 95 12.00 -11.32 8.59
N ALA A 96 12.10 -9.99 8.49
CA ALA A 96 11.50 -9.28 7.37
C ALA A 96 12.19 -9.60 6.06
N SER A 97 13.52 -9.72 6.09
CA SER A 97 14.29 -10.00 4.87
C SER A 97 14.02 -11.40 4.37
N GLU A 98 13.98 -12.38 5.27
CA GLU A 98 13.70 -13.74 4.83
C GLU A 98 12.26 -13.92 4.39
N ALA A 99 11.31 -13.21 5.02
CA ALA A 99 9.94 -13.24 4.53
C ALA A 99 9.81 -12.58 3.16
N TYR A 100 10.55 -11.50 2.93
CA TYR A 100 10.58 -10.85 1.63
C TYR A 100 11.14 -11.76 0.56
N LEU A 101 12.26 -12.42 0.85
CA LEU A 101 12.91 -13.24 -0.16
C LEU A 101 12.12 -14.52 -0.42
N VAL A 102 11.51 -15.09 0.61
CA VAL A 102 10.65 -16.26 0.42
C VAL A 102 9.40 -15.89 -0.37
N ALA A 103 8.79 -14.74 -0.08
CA ALA A 103 7.61 -14.34 -0.84
C ALA A 103 7.96 -13.84 -2.24
N LEU A 104 9.23 -13.53 -2.50
CA LEU A 104 9.63 -13.23 -3.87
C LEU A 104 9.96 -14.50 -4.65
N PHE A 105 10.54 -15.50 -4.00
CA PHE A 105 10.77 -16.78 -4.64
C PHE A 105 9.48 -17.53 -4.91
N GLU A 106 8.45 -17.30 -4.08
CA GLU A 106 7.14 -17.88 -4.33
C GLU A 106 6.48 -17.31 -5.58
N ASP A 107 6.85 -16.10 -5.97
CA ASP A 107 6.36 -15.48 -7.20
C ASP A 107 7.25 -15.78 -8.39
N THR A 108 8.56 -15.85 -8.15
CA THR A 108 9.52 -16.32 -9.15
C THR A 108 9.20 -17.74 -9.62
N ASN A 109 8.77 -18.61 -8.69
CA ASN A 109 8.41 -19.97 -9.07
C ASN A 109 7.18 -20.00 -9.97
N LEU A 110 6.22 -19.11 -9.71
CA LEU A 110 5.05 -19.02 -10.58
C LEU A 110 5.42 -18.47 -11.95
N CYS A 111 6.35 -17.52 -11.99
CA CYS A 111 6.83 -17.02 -13.28
C CYS A 111 7.64 -18.07 -14.04
N ALA A 112 8.31 -18.98 -13.33
CA ALA A 112 9.03 -20.06 -13.99
C ALA A 112 8.09 -21.12 -14.52
N ILE A 113 7.05 -21.45 -13.75
CA ILE A 113 6.07 -22.44 -14.17
C ILE A 113 5.22 -21.92 -15.31
N HIS A 114 5.00 -20.59 -15.35
CA HIS A 114 4.27 -19.98 -16.45
C HIS A 114 4.98 -20.12 -17.78
N ALA A 115 6.31 -20.08 -17.78
CA ALA A 115 7.08 -20.25 -19.00
C ALA A 115 7.34 -21.72 -19.33
N LYS A 116 6.65 -22.63 -18.65
CA LYS A 116 6.78 -24.08 -18.80
C LYS A 116 8.21 -24.54 -18.52
N ARG A 117 8.70 -24.15 -17.35
CA ARG A 117 10.00 -24.55 -16.82
C ARG A 117 9.80 -25.04 -15.40
N VAL A 118 10.87 -25.56 -14.80
CA VAL A 118 10.87 -25.78 -13.36
C VAL A 118 12.09 -25.10 -12.76
N THR A 119 12.99 -24.61 -13.62
CA THR A 119 14.10 -23.80 -13.15
C THR A 119 13.71 -22.34 -13.09
N ILE A 120 14.11 -21.67 -12.03
CA ILE A 120 13.96 -20.22 -11.93
C ILE A 120 15.22 -19.58 -12.48
N MET A 121 15.06 -18.40 -13.07
CA MET A 121 16.13 -17.70 -13.76
C MET A 121 16.10 -16.25 -13.34
N PRO A 122 17.19 -15.50 -13.54
CA PRO A 122 17.19 -14.06 -13.20
C PRO A 122 16.15 -13.25 -13.94
N LYS A 123 15.75 -13.67 -15.14
CA LYS A 123 14.65 -13.00 -15.83
C LYS A 123 13.32 -13.25 -15.14
N ASP A 124 13.16 -14.39 -14.46
CA ASP A 124 11.96 -14.63 -13.66
C ASP A 124 11.91 -13.70 -12.45
N ILE A 125 13.05 -13.51 -11.78
CA ILE A 125 13.12 -12.60 -10.63
C ILE A 125 12.82 -11.18 -11.08
N GLN A 126 13.38 -10.78 -12.25
CA GLN A 126 13.16 -9.43 -12.74
C GLN A 126 11.71 -9.24 -13.17
N LEU A 127 11.09 -10.29 -13.72
CA LEU A 127 9.69 -10.20 -14.07
C LEU A 127 8.80 -10.09 -12.85
N ALA A 128 9.07 -10.89 -11.81
CA ALA A 128 8.28 -10.81 -10.58
C ALA A 128 8.44 -9.46 -9.90
N ARG A 129 9.66 -8.92 -9.88
CA ARG A 129 9.90 -7.64 -9.24
C ARG A 129 9.31 -6.48 -10.02
N ARG A 130 9.23 -6.57 -11.34
CA ARG A 130 8.62 -5.50 -12.11
C ARG A 130 7.12 -5.69 -12.33
N ILE A 131 6.56 -6.86 -12.04
CA ILE A 131 5.11 -6.98 -11.98
C ILE A 131 4.59 -6.53 -10.61
N ARG A 132 5.35 -6.79 -9.55
CA ARG A 132 5.00 -6.29 -8.22
C ARG A 132 5.10 -4.77 -8.10
N GLY A 133 5.83 -4.10 -8.99
CA GLY A 133 5.90 -2.66 -8.91
C GLY A 133 7.09 -2.18 -8.09
N GLU A 134 8.23 -2.85 -8.24
CA GLU A 134 9.44 -2.46 -7.52
C GLU A 134 10.57 -2.06 -8.46
N ARG A 135 10.32 -2.04 -9.76
CA ARG A 135 11.28 -1.52 -10.73
C ARG A 135 10.57 -0.71 -11.79
N LEU B 23 33.47 -2.41 7.91
CA LEU B 23 33.28 -3.69 7.25
C LEU B 23 33.31 -3.52 5.74
N ARG B 24 33.79 -4.54 5.01
CA ARG B 24 33.83 -4.48 3.56
C ARG B 24 33.37 -5.81 2.97
N ASP B 25 32.36 -5.74 2.10
CA ASP B 25 31.88 -6.82 1.24
C ASP B 25 31.43 -8.05 2.05
N ASN B 26 30.35 -7.84 2.81
CA ASN B 26 29.70 -8.94 3.49
C ASN B 26 28.43 -9.39 2.76
N ILE B 27 28.25 -8.97 1.51
CA ILE B 27 27.15 -9.49 0.71
C ILE B 27 27.44 -10.92 0.27
N GLN B 28 28.71 -11.36 0.29
CA GLN B 28 29.01 -12.76 0.03
C GLN B 28 28.83 -13.62 1.27
N GLY B 29 28.49 -12.99 2.40
CA GLY B 29 28.09 -13.70 3.60
C GLY B 29 26.71 -14.29 3.49
N ILE B 30 25.91 -13.81 2.53
CA ILE B 30 24.64 -14.45 2.19
C ILE B 30 25.04 -15.57 1.23
N THR B 31 25.13 -16.79 1.74
CA THR B 31 25.82 -17.81 0.98
C THR B 31 24.90 -18.46 -0.05
N LYS B 32 25.49 -19.31 -0.89
CA LYS B 32 24.69 -20.08 -1.84
C LYS B 32 23.72 -21.06 -1.18
N PRO B 33 24.08 -21.85 -0.14
CA PRO B 33 23.05 -22.69 0.50
C PRO B 33 22.01 -21.91 1.29
N ALA B 34 22.26 -20.66 1.66
CA ALA B 34 21.22 -19.88 2.32
C ALA B 34 20.17 -19.42 1.32
N ILE B 35 20.61 -18.98 0.13
CA ILE B 35 19.67 -18.65 -0.92
C ILE B 35 18.94 -19.89 -1.40
N ARG B 36 19.61 -21.05 -1.37
CA ARG B 36 18.92 -22.29 -1.70
C ARG B 36 17.89 -22.68 -0.65
N ARG B 37 18.16 -22.41 0.63
CA ARG B 37 17.17 -22.70 1.66
C ARG B 37 15.96 -21.77 1.57
N LEU B 38 16.20 -20.49 1.28
CA LEU B 38 15.09 -19.56 1.06
C LEU B 38 14.27 -19.92 -0.17
N ALA B 39 14.92 -20.46 -1.20
CA ALA B 39 14.17 -20.91 -2.37
C ALA B 39 13.41 -22.20 -2.08
N ARG B 40 13.93 -23.06 -1.21
CA ARG B 40 13.19 -24.26 -0.83
C ARG B 40 11.97 -23.91 0.01
N ARG B 41 12.09 -22.91 0.88
CA ARG B 41 10.91 -22.42 1.59
C ARG B 41 9.95 -21.71 0.65
N GLY B 42 10.46 -21.04 -0.38
CA GLY B 42 9.61 -20.48 -1.42
C GLY B 42 8.99 -21.51 -2.35
N GLY B 43 9.42 -22.75 -2.29
CA GLY B 43 8.81 -23.80 -3.09
C GLY B 43 9.52 -24.11 -4.38
N VAL B 44 10.78 -23.71 -4.53
CA VAL B 44 11.50 -23.78 -5.80
C VAL B 44 12.24 -25.11 -5.89
N LYS B 45 12.06 -25.81 -7.01
CA LYS B 45 12.64 -27.14 -7.19
C LYS B 45 14.02 -27.08 -7.84
N ARG B 46 14.22 -26.23 -8.84
CA ARG B 46 15.47 -26.13 -9.57
C ARG B 46 15.90 -24.69 -9.62
N ILE B 47 17.20 -24.43 -9.46
CA ILE B 47 17.72 -23.09 -9.27
C ILE B 47 18.88 -22.87 -10.23
N SER B 48 18.79 -21.85 -11.07
CA SER B 48 19.89 -21.51 -11.96
C SER B 48 21.08 -20.95 -11.19
N GLY B 49 22.23 -20.92 -11.86
CA GLY B 49 23.45 -20.55 -11.18
C GLY B 49 23.67 -19.06 -11.08
N LEU B 50 22.90 -18.28 -11.83
CA LEU B 50 22.97 -16.82 -11.78
C LEU B 50 21.94 -16.23 -10.84
N ILE B 51 21.19 -17.09 -10.13
CA ILE B 51 20.14 -16.63 -9.23
C ILE B 51 20.76 -16.00 -7.99
N TYR B 52 21.97 -16.43 -7.61
CA TYR B 52 22.55 -16.00 -6.35
C TYR B 52 23.01 -14.55 -6.37
N GLU B 53 23.62 -14.08 -7.46
CA GLU B 53 24.03 -12.68 -7.51
C GLU B 53 22.83 -11.74 -7.69
N GLU B 54 21.80 -12.21 -8.39
CA GLU B 54 20.55 -11.46 -8.49
C GLU B 54 19.85 -11.36 -7.14
N THR B 55 19.84 -12.46 -6.37
CA THR B 55 19.16 -12.47 -5.08
C THR B 55 19.92 -11.61 -4.09
N ARG B 56 21.26 -11.64 -4.16
CA ARG B 56 22.06 -10.79 -3.28
C ARG B 56 21.84 -9.31 -3.60
N GLY B 57 21.67 -8.97 -4.87
CA GLY B 57 21.38 -7.59 -5.20
C GLY B 57 19.98 -7.14 -4.78
N VAL B 58 19.00 -8.04 -4.90
CA VAL B 58 17.63 -7.76 -4.45
C VAL B 58 17.58 -7.56 -2.94
N LEU B 59 18.26 -8.44 -2.19
CA LEU B 59 18.32 -8.33 -0.74
C LEU B 59 19.06 -7.08 -0.31
N LYS B 60 20.12 -6.71 -1.03
CA LYS B 60 20.85 -5.50 -0.70
C LYS B 60 20.01 -4.26 -0.93
N VAL B 61 19.19 -4.23 -1.99
CA VAL B 61 18.33 -3.08 -2.24
C VAL B 61 17.24 -2.98 -1.17
N PHE B 62 16.64 -4.12 -0.80
CA PHE B 62 15.63 -4.13 0.27
C PHE B 62 16.21 -3.67 1.59
N LEU B 63 17.39 -4.17 1.94
CA LEU B 63 17.98 -3.82 3.21
C LEU B 63 18.47 -2.39 3.23
N GLU B 64 18.96 -1.87 2.10
CA GLU B 64 19.28 -0.44 2.01
C GLU B 64 18.07 0.42 2.28
N ASN B 65 16.92 0.09 1.68
CA ASN B 65 15.72 0.91 1.88
C ASN B 65 15.20 0.86 3.32
N VAL B 66 15.24 -0.34 3.93
CA VAL B 66 14.73 -0.45 5.30
C VAL B 66 15.72 0.16 6.29
N ILE B 67 17.02 -0.09 6.12
CA ILE B 67 17.99 0.42 7.06
C ILE B 67 18.08 1.95 6.93
N ARG B 68 17.88 2.49 5.73
CA ARG B 68 17.83 3.95 5.56
C ARG B 68 16.67 4.57 6.32
N ASP B 69 15.49 3.95 6.23
CA ASP B 69 14.36 4.49 6.99
C ASP B 69 14.53 4.29 8.50
N ALA B 70 15.11 3.17 8.91
CA ALA B 70 15.31 2.90 10.33
C ALA B 70 16.35 3.84 10.94
N VAL B 71 17.39 4.18 10.19
CA VAL B 71 18.37 5.15 10.67
C VAL B 71 17.80 6.56 10.66
N THR B 72 16.87 6.87 9.74
CA THR B 72 16.19 8.15 9.80
C THR B 72 15.30 8.27 11.05
N TYR B 73 14.54 7.20 11.35
CA TYR B 73 13.75 7.16 12.59
C TYR B 73 14.63 7.19 13.83
N THR B 74 15.82 6.61 13.76
CA THR B 74 16.71 6.58 14.92
C THR B 74 17.34 7.95 15.17
N GLU B 75 17.83 8.60 14.11
CA GLU B 75 18.49 9.89 14.27
C GLU B 75 17.49 11.02 14.44
N HIS B 76 16.20 10.80 14.20
CA HIS B 76 15.22 11.78 14.65
C HIS B 76 15.10 11.78 16.17
N ALA B 77 15.18 10.62 16.80
CA ALA B 77 15.08 10.50 18.25
C ALA B 77 16.37 10.88 18.98
N LYS B 78 17.40 11.30 18.25
CA LYS B 78 18.72 11.68 18.79
C LYS B 78 19.37 10.51 19.51
N ARG B 79 19.20 9.31 18.99
CA ARG B 79 19.82 8.12 19.52
C ARG B 79 21.02 7.73 18.67
N LYS B 80 21.85 6.85 19.23
CA LYS B 80 22.92 6.22 18.50
C LYS B 80 22.63 4.74 18.27
N THR B 81 21.59 4.21 18.91
CA THR B 81 21.22 2.81 18.84
C THR B 81 19.97 2.68 17.97
N VAL B 82 20.03 1.81 16.97
CA VAL B 82 18.84 1.46 16.19
C VAL B 82 18.09 0.39 16.97
N THR B 83 16.92 0.75 17.48
CA THR B 83 16.12 -0.20 18.22
C THR B 83 15.26 -1.03 17.28
N ALA B 84 14.57 -2.03 17.85
CA ALA B 84 13.71 -2.87 17.05
C ALA B 84 12.45 -2.14 16.63
N MET B 85 12.04 -1.13 17.41
CA MET B 85 10.85 -0.36 17.06
C MET B 85 11.09 0.51 15.85
N ASP B 86 12.33 1.00 15.66
CA ASP B 86 12.67 1.75 14.46
C ASP B 86 12.57 0.89 13.22
N VAL B 87 13.00 -0.37 13.31
CA VAL B 87 12.87 -1.31 12.21
C VAL B 87 11.41 -1.63 11.93
N VAL B 88 10.60 -1.79 12.99
CA VAL B 88 9.19 -2.11 12.80
C VAL B 88 8.44 -0.95 12.15
N TYR B 89 8.79 0.29 12.52
CA TYR B 89 8.18 1.45 11.90
C TYR B 89 8.66 1.64 10.45
N ALA B 90 9.96 1.39 10.21
CA ALA B 90 10.52 1.49 8.86
C ALA B 90 9.91 0.45 7.93
N LEU B 91 9.54 -0.71 8.44
CA LEU B 91 8.85 -1.72 7.65
C LEU B 91 7.40 -1.34 7.46
N LYS B 92 6.78 -0.79 8.51
CA LYS B 92 5.38 -0.39 8.48
C LYS B 92 5.14 0.69 7.44
N ARG B 93 6.12 1.56 7.18
CA ARG B 93 5.92 2.57 6.16
C ARG B 93 6.32 2.09 4.75
N GLN B 94 6.57 0.79 4.57
CA GLN B 94 6.73 0.23 3.24
C GLN B 94 5.61 -0.75 2.91
N GLY B 95 4.61 -0.83 3.77
CA GLY B 95 3.50 -1.75 3.58
C GLY B 95 3.92 -3.17 3.82
N ARG B 96 4.84 -3.38 4.75
CA ARG B 96 5.44 -4.66 5.09
C ARG B 96 5.45 -4.80 6.60
N THR B 97 4.27 -4.60 7.20
CA THR B 97 4.03 -4.70 8.63
C THR B 97 4.56 -6.01 9.22
N LEU B 98 5.29 -5.90 10.31
CA LEU B 98 5.95 -7.04 10.94
C LEU B 98 5.44 -7.15 12.37
N TYR B 99 4.88 -8.32 12.69
CA TYR B 99 4.31 -8.60 14.00
C TYR B 99 5.30 -9.40 14.81
N GLY B 100 5.52 -9.00 16.06
CA GLY B 100 6.31 -9.81 16.95
C GLY B 100 7.40 -9.07 17.68
N PHE B 101 7.59 -7.80 17.33
CA PHE B 101 8.67 -7.01 17.91
C PHE B 101 8.14 -5.71 18.50
N GLY B 102 6.88 -5.67 18.86
CA GLY B 102 6.23 -4.45 19.30
C GLY B 102 5.68 -3.66 18.13
N GLY C 108 3.05 39.84 5.26
CA GLY C 108 2.44 38.59 5.69
C GLY C 108 3.49 37.49 5.80
N ARG C 109 3.13 36.37 6.42
CA ARG C 109 4.08 35.30 6.67
C ARG C 109 4.49 34.56 5.41
N SER C 110 3.66 34.59 4.36
CA SER C 110 4.10 34.10 3.06
C SER C 110 5.24 34.91 2.49
N SER C 111 5.32 36.20 2.80
CA SER C 111 6.37 37.05 2.27
C SER C 111 7.50 37.27 3.25
N ARG C 112 7.29 36.99 4.54
CA ARG C 112 8.39 36.99 5.50
C ARG C 112 9.37 35.87 5.23
N ALA C 113 8.88 34.72 4.77
CA ALA C 113 9.70 33.56 4.46
C ALA C 113 10.18 33.54 3.02
N GLY C 114 9.60 34.37 2.15
CA GLY C 114 9.98 34.37 0.76
C GLY C 114 9.29 33.33 -0.09
N LEU C 115 8.09 32.90 0.30
CA LEU C 115 7.43 31.78 -0.32
C LEU C 115 6.25 32.27 -1.17
N GLN C 116 5.75 31.39 -2.01
CA GLN C 116 4.51 31.63 -2.73
C GLN C 116 3.33 30.86 -2.18
N PHE C 117 3.55 30.02 -1.22
CA PHE C 117 2.52 29.19 -0.63
C PHE C 117 2.07 29.73 0.72
N PRO C 118 0.79 29.54 1.10
CA PRO C 118 0.25 30.24 2.28
C PRO C 118 0.67 29.56 3.57
N VAL C 119 1.60 30.19 4.29
CA VAL C 119 2.07 29.65 5.56
C VAL C 119 0.95 29.67 6.59
N GLY C 120 0.08 30.67 6.53
CA GLY C 120 -1.02 30.74 7.48
C GLY C 120 -2.10 29.71 7.23
N ARG C 121 -2.41 29.44 5.96
CA ARG C 121 -3.38 28.39 5.63
C ARG C 121 -2.84 27.00 5.95
N VAL C 122 -1.55 26.78 5.74
CA VAL C 122 -0.93 25.51 6.12
C VAL C 122 -0.92 25.35 7.64
N HIS C 123 -0.68 26.45 8.35
CA HIS C 123 -0.79 26.45 9.81
C HIS C 123 -2.21 26.11 10.28
N ARG C 124 -3.21 26.70 9.63
CA ARG C 124 -4.59 26.40 10.00
C ARG C 124 -4.97 24.96 9.68
N LEU C 125 -4.46 24.41 8.58
CA LEU C 125 -4.76 23.01 8.26
C LEU C 125 -4.03 22.04 9.18
N LEU C 126 -2.83 22.41 9.65
CA LEU C 126 -2.16 21.58 10.64
C LEU C 126 -2.81 21.69 12.00
N ARG C 127 -3.35 22.86 12.36
CA ARG C 127 -4.01 22.95 13.65
C ARG C 127 -5.36 22.24 13.63
N LYS C 128 -6.13 22.44 12.57
CA LYS C 128 -7.45 21.87 12.43
C LYS C 128 -7.46 20.56 11.66
N GLY C 129 -6.36 19.81 11.66
CA GLY C 129 -6.28 18.64 10.82
C GLY C 129 -6.04 17.40 11.63
N ASN C 130 -6.04 17.55 12.96
CA ASN C 130 -5.87 16.47 13.94
C ASN C 130 -4.55 15.72 13.73
N TYR C 131 -3.47 16.46 13.82
CA TYR C 131 -2.14 15.89 13.62
C TYR C 131 -1.32 15.82 14.89
N ALA C 132 -1.32 16.88 15.70
CA ALA C 132 -0.73 16.80 17.02
C ALA C 132 -1.49 17.76 17.93
N GLU C 133 -1.09 17.78 19.20
CA GLU C 133 -1.75 18.65 20.16
C GLU C 133 -1.19 20.07 20.08
N ARG C 134 0.03 20.22 19.59
CA ARG C 134 0.67 21.51 19.39
C ARG C 134 1.34 21.50 18.03
N VAL C 135 1.46 22.67 17.42
CA VAL C 135 2.13 22.84 16.13
C VAL C 135 3.15 23.94 16.27
N GLY C 136 4.42 23.62 16.01
CA GLY C 136 5.47 24.59 16.08
C GLY C 136 5.35 25.68 15.02
N ALA C 137 6.12 26.75 15.22
CA ALA C 137 5.99 27.92 14.34
C ALA C 137 6.74 27.73 13.03
N GLY C 138 7.78 26.91 13.02
CA GLY C 138 8.53 26.66 11.81
C GLY C 138 8.05 25.48 11.01
N ALA C 139 7.13 24.69 11.57
CA ALA C 139 6.49 23.62 10.83
C ALA C 139 5.68 24.07 9.62
N PRO C 140 4.81 25.10 9.67
CA PRO C 140 4.12 25.47 8.43
C PRO C 140 5.03 26.17 7.44
N VAL C 141 6.09 26.83 7.90
CA VAL C 141 7.05 27.43 6.99
C VAL C 141 7.80 26.36 6.22
N TYR C 142 8.29 25.35 6.94
CA TYR C 142 8.97 24.21 6.34
C TYR C 142 8.05 23.45 5.38
N LEU C 143 6.80 23.22 5.80
CA LEU C 143 5.90 22.43 4.98
C LEU C 143 5.45 23.19 3.74
N ALA C 144 5.25 24.50 3.86
CA ALA C 144 4.92 25.32 2.70
C ALA C 144 6.10 25.42 1.74
N ALA C 145 7.33 25.46 2.26
CA ALA C 145 8.49 25.50 1.38
C ALA C 145 8.67 24.18 0.63
N VAL C 146 8.42 23.06 1.31
CA VAL C 146 8.54 21.76 0.65
C VAL C 146 7.44 21.58 -0.38
N LEU C 147 6.22 22.01 -0.06
CA LEU C 147 5.12 21.95 -1.02
C LEU C 147 5.36 22.86 -2.22
N GLU C 148 5.95 24.04 -2.00
CA GLU C 148 6.21 24.93 -3.12
C GLU C 148 7.34 24.42 -4.00
N TYR C 149 8.36 23.78 -3.40
CA TYR C 149 9.41 23.16 -4.19
C TYR C 149 8.87 22.03 -5.03
N LEU C 150 8.07 21.14 -4.41
CA LEU C 150 7.53 19.98 -5.09
C LEU C 150 6.51 20.38 -6.14
N THR C 151 5.87 21.54 -6.00
CA THR C 151 5.01 22.08 -7.04
C THR C 151 5.84 22.64 -8.18
N ALA C 152 6.93 23.35 -7.86
CA ALA C 152 7.78 23.94 -8.88
C ALA C 152 8.46 22.90 -9.74
N GLU C 153 8.82 21.75 -9.16
CA GLU C 153 9.49 20.70 -9.94
C GLU C 153 8.55 20.06 -10.97
N ILE C 154 7.37 19.62 -10.53
CA ILE C 154 6.38 19.04 -11.43
C ILE C 154 5.87 20.07 -12.44
N LEU C 155 5.81 21.36 -12.07
CA LEU C 155 5.35 22.37 -13.01
C LEU C 155 6.40 22.69 -14.05
N GLU C 156 7.68 22.68 -13.68
CA GLU C 156 8.72 22.91 -14.67
C GLU C 156 8.84 21.75 -15.65
N LEU C 157 8.75 20.50 -15.15
CA LEU C 157 8.77 19.36 -16.05
C LEU C 157 7.52 19.31 -16.94
N ALA C 158 6.37 19.71 -16.41
CA ALA C 158 5.16 19.75 -17.22
C ALA C 158 5.21 20.86 -18.24
N GLY C 159 5.86 21.98 -17.92
CA GLY C 159 6.00 23.04 -18.89
C GLY C 159 6.97 22.70 -20.01
N ASN C 160 8.03 21.96 -19.69
CA ASN C 160 8.91 21.47 -20.75
C ASN C 160 8.21 20.44 -21.62
N ALA C 161 7.41 19.55 -21.02
CA ALA C 161 6.64 18.60 -21.81
C ALA C 161 5.56 19.27 -22.65
N ALA C 162 5.00 20.37 -22.17
CA ALA C 162 4.05 21.14 -22.97
C ALA C 162 4.73 21.85 -24.12
N ARG C 163 5.90 22.44 -23.88
CA ARG C 163 6.65 23.12 -24.92
C ARG C 163 7.15 22.15 -25.99
N ASP C 164 7.48 20.91 -25.60
CA ASP C 164 7.88 19.93 -26.61
C ASP C 164 6.72 19.45 -27.46
N ASN C 165 5.49 19.62 -26.99
CA ASN C 165 4.30 19.31 -27.77
C ASN C 165 3.79 20.50 -28.55
N LYS C 166 4.54 21.62 -28.52
CA LYS C 166 4.21 22.88 -29.17
C LYS C 166 2.87 23.45 -28.70
N LYS C 167 2.61 23.36 -27.40
CA LYS C 167 1.46 23.96 -26.75
C LYS C 167 1.94 24.93 -25.69
N THR C 168 1.10 25.91 -25.36
CA THR C 168 1.42 26.87 -24.31
C THR C 168 0.56 26.72 -23.07
N ARG C 169 -0.33 25.74 -23.03
CA ARG C 169 -1.11 25.45 -21.84
C ARG C 169 -0.83 24.02 -21.39
N ILE C 170 -0.69 23.84 -20.09
CA ILE C 170 -0.52 22.51 -19.52
C ILE C 170 -1.88 21.82 -19.44
N ILE C 171 -1.97 20.63 -20.02
CA ILE C 171 -3.15 19.77 -19.94
C ILE C 171 -2.71 18.56 -19.11
N PRO C 172 -3.61 17.68 -18.66
CA PRO C 172 -3.17 16.53 -17.85
C PRO C 172 -2.18 15.58 -18.53
N ARG C 173 -2.14 15.55 -19.87
CA ARG C 173 -1.17 14.73 -20.58
C ARG C 173 0.25 15.17 -20.27
N HIS C 174 0.48 16.48 -20.15
CA HIS C 174 1.83 16.96 -19.88
C HIS C 174 2.25 16.69 -18.45
N LEU C 175 1.31 16.76 -17.50
CA LEU C 175 1.61 16.35 -16.12
C LEU C 175 1.92 14.87 -16.02
N GLN C 176 1.18 14.03 -16.76
CA GLN C 176 1.45 12.59 -16.73
C GLN C 176 2.80 12.26 -17.34
N LEU C 177 3.12 12.89 -18.47
CA LEU C 177 4.43 12.70 -19.10
C LEU C 177 5.56 13.17 -18.19
N ALA C 178 5.36 14.33 -17.55
CA ALA C 178 6.33 14.87 -16.60
C ALA C 178 6.58 13.93 -15.42
N VAL C 179 5.52 13.37 -14.84
CA VAL C 179 5.73 12.51 -13.67
C VAL C 179 6.20 11.11 -14.02
N ARG C 180 5.91 10.60 -15.22
CA ARG C 180 6.37 9.26 -15.52
C ARG C 180 7.68 9.22 -16.29
N ASN C 181 8.14 10.36 -16.82
CA ASN C 181 9.46 10.43 -17.45
C ASN C 181 10.56 10.81 -16.47
N ASP C 182 10.34 10.62 -15.17
CA ASP C 182 11.28 11.07 -14.15
C ASP C 182 11.25 10.04 -13.03
N GLU C 183 12.43 9.54 -12.65
CA GLU C 183 12.51 8.40 -11.73
C GLU C 183 12.05 8.77 -10.32
N GLU C 184 12.42 9.95 -9.82
CA GLU C 184 12.06 10.31 -8.46
C GLU C 184 10.58 10.66 -8.33
N LEU C 185 10.02 11.42 -9.29
CA LEU C 185 8.59 11.72 -9.25
C LEU C 185 7.75 10.48 -9.52
N ASN C 186 8.25 9.52 -10.29
CA ASN C 186 7.52 8.26 -10.46
C ASN C 186 7.62 7.39 -9.22
N LYS C 187 8.72 7.46 -8.48
CA LYS C 187 8.76 6.75 -7.21
C LYS C 187 7.85 7.41 -6.18
N LEU C 188 7.72 8.74 -6.23
CA LEU C 188 6.79 9.43 -5.35
C LEU C 188 5.34 9.16 -5.74
N LEU C 189 5.05 9.09 -7.03
CA LEU C 189 3.69 8.95 -7.55
C LEU C 189 3.50 7.63 -8.28
N GLY C 190 3.98 6.54 -7.70
CA GLY C 190 3.84 5.24 -8.32
C GLY C 190 2.45 4.68 -8.21
N ARG C 191 1.80 4.91 -7.07
CA ARG C 191 0.46 4.43 -6.80
C ARG C 191 -0.58 5.52 -7.05
N VAL C 192 -0.35 6.38 -8.03
CA VAL C 192 -1.19 7.54 -8.28
C VAL C 192 -1.64 7.51 -9.74
N THR C 193 -2.94 7.61 -9.94
CA THR C 193 -3.53 7.79 -11.26
C THR C 193 -3.83 9.26 -11.51
N ILE C 194 -3.42 9.76 -12.67
CA ILE C 194 -3.73 11.11 -13.11
C ILE C 194 -4.83 11.03 -14.15
N ALA C 195 -5.95 11.73 -13.89
CA ALA C 195 -7.11 11.66 -14.75
C ALA C 195 -6.87 12.38 -16.06
N GLN C 196 -7.31 11.76 -17.17
CA GLN C 196 -7.10 12.23 -18.54
C GLN C 196 -5.62 12.38 -18.85
N GLY C 197 -4.81 11.48 -18.30
CA GLY C 197 -3.38 11.58 -18.44
C GLY C 197 -2.77 10.63 -19.45
N GLY C 198 -3.44 9.53 -19.73
CA GLY C 198 -2.90 8.59 -20.68
C GLY C 198 -1.77 7.78 -20.08
N VAL C 199 -0.95 7.22 -20.97
CA VAL C 199 0.19 6.38 -20.59
C VAL C 199 1.45 6.93 -21.26
N LEU C 200 2.58 6.34 -20.92
CA LEU C 200 3.80 6.66 -21.64
C LEU C 200 3.86 5.84 -22.93
N PRO C 201 4.33 6.45 -24.02
CA PRO C 201 4.55 5.70 -25.26
C PRO C 201 5.65 4.68 -25.07
N ASN C 202 5.29 3.40 -25.13
CA ASN C 202 6.27 2.34 -24.88
C ASN C 202 5.74 1.10 -25.59
N ILE C 203 6.48 0.65 -26.60
CA ILE C 203 6.25 -0.62 -27.25
C ILE C 203 7.44 -1.52 -26.92
N GLN C 204 7.14 -2.78 -26.60
CA GLN C 204 8.20 -3.74 -26.36
C GLN C 204 8.95 -4.06 -27.64
N SER C 205 10.21 -4.47 -27.49
CA SER C 205 11.07 -4.71 -28.64
C SER C 205 10.71 -5.99 -29.38
N VAL C 206 10.00 -6.91 -28.73
CA VAL C 206 9.63 -8.15 -29.38
C VAL C 206 8.47 -7.92 -30.37
N LEU C 207 7.65 -6.91 -30.13
CA LEU C 207 6.50 -6.65 -30.99
C LEU C 207 6.84 -5.89 -32.25
N LEU C 208 7.99 -5.23 -32.30
CA LEU C 208 8.42 -4.58 -33.53
C LEU C 208 8.87 -5.62 -34.54
N PRO C 209 8.59 -5.42 -35.84
CA PRO C 209 8.95 -6.42 -36.83
C PRO C 209 10.45 -6.46 -37.09
N LYS C 210 10.88 -7.53 -37.74
CA LYS C 210 12.27 -7.74 -38.15
C LYS C 210 12.74 -6.72 -39.19
N ARG D 27 -27.24 33.97 -4.83
CA ARG D 27 -25.99 34.44 -4.24
C ARG D 27 -24.87 33.42 -4.41
N ARG D 28 -23.72 33.72 -3.81
CA ARG D 28 -22.60 32.81 -3.84
C ARG D 28 -22.87 31.58 -2.98
N LYS D 29 -22.30 30.44 -3.38
CA LYS D 29 -22.51 29.21 -2.63
C LYS D 29 -21.60 29.06 -1.42
N THR D 30 -20.29 28.94 -1.65
CA THR D 30 -19.39 28.47 -0.61
C THR D 30 -17.95 28.80 -0.97
N ARG D 31 -17.11 28.83 0.06
CA ARG D 31 -15.78 29.46 0.03
C ARG D 31 -14.62 28.50 -0.11
N LYS D 32 -14.45 27.86 -1.27
CA LYS D 32 -13.50 26.74 -1.42
C LYS D 32 -12.09 27.33 -1.36
N GLU D 33 -11.36 26.94 -0.30
CA GLU D 33 -9.91 26.98 -0.16
C GLU D 33 -9.09 26.05 -1.05
N SER D 34 -8.94 26.40 -2.33
CA SER D 34 -8.09 25.55 -3.16
C SER D 34 -6.66 26.08 -3.08
N TYR D 35 -5.76 25.44 -3.82
CA TYR D 35 -4.38 25.90 -3.98
C TYR D 35 -4.10 26.58 -5.31
N ALA D 36 -5.12 26.98 -6.05
CA ALA D 36 -4.94 27.29 -7.47
C ALA D 36 -4.15 28.58 -7.70
N ILE D 37 -4.35 29.60 -6.87
CA ILE D 37 -3.62 30.84 -7.10
C ILE D 37 -2.14 30.74 -6.72
N TYR D 38 -1.79 29.89 -5.74
CA TYR D 38 -0.39 29.69 -5.40
C TYR D 38 0.33 28.84 -6.44
N VAL D 39 -0.35 27.80 -6.95
CA VAL D 39 0.19 27.02 -8.05
C VAL D 39 0.34 27.89 -9.29
N TYR D 40 -0.57 28.85 -9.48
CA TYR D 40 -0.44 29.74 -10.63
C TYR D 40 0.71 30.74 -10.45
N LYS D 41 0.96 31.21 -9.22
CA LYS D 41 2.13 32.05 -8.98
C LYS D 41 3.43 31.30 -9.19
N VAL D 42 3.50 30.06 -8.72
CA VAL D 42 4.68 29.22 -8.92
C VAL D 42 4.90 28.95 -10.41
N LEU D 43 3.83 28.69 -11.15
CA LEU D 43 3.93 28.47 -12.59
C LEU D 43 4.38 29.73 -13.33
N LYS D 44 3.85 30.90 -12.92
CA LYS D 44 4.28 32.14 -13.53
C LYS D 44 5.72 32.50 -13.18
N GLN D 45 6.26 31.93 -12.10
CA GLN D 45 7.67 32.16 -11.83
C GLN D 45 8.62 31.11 -12.41
N VAL D 46 8.13 29.93 -12.81
CA VAL D 46 9.02 29.01 -13.50
C VAL D 46 8.86 29.08 -15.02
N HIS D 47 7.64 29.37 -15.48
CA HIS D 47 7.33 29.47 -16.90
C HIS D 47 6.42 30.67 -17.13
N PRO D 48 6.98 31.84 -17.41
CA PRO D 48 6.17 33.07 -17.43
C PRO D 48 5.22 33.17 -18.62
N ASP D 49 5.38 32.34 -19.66
CA ASP D 49 4.50 32.36 -20.81
C ASP D 49 3.54 31.18 -20.87
N THR D 50 3.73 30.16 -20.03
CA THR D 50 2.89 28.98 -20.02
C THR D 50 1.74 29.16 -19.03
N GLY D 51 0.54 28.80 -19.46
CA GLY D 51 -0.63 28.77 -18.60
C GLY D 51 -0.94 27.35 -18.14
N ILE D 52 -2.17 27.16 -17.68
CA ILE D 52 -2.58 25.87 -17.14
C ILE D 52 -4.09 25.73 -17.29
N SER D 53 -4.54 24.52 -17.62
CA SER D 53 -5.96 24.26 -17.78
C SER D 53 -6.63 23.99 -16.43
N SER D 54 -7.96 23.93 -16.45
CA SER D 54 -8.70 23.73 -15.21
C SER D 54 -8.58 22.30 -14.71
N LYS D 55 -8.53 21.33 -15.61
CA LYS D 55 -8.32 19.94 -15.21
C LYS D 55 -6.90 19.74 -14.68
N ALA D 56 -5.93 20.41 -15.28
CA ALA D 56 -4.56 20.34 -14.79
C ALA D 56 -4.41 21.10 -13.48
N MET D 57 -5.18 22.17 -13.28
CA MET D 57 -5.17 22.86 -12.00
C MET D 57 -5.81 22.01 -10.91
N SER D 58 -6.83 21.21 -11.27
CA SER D 58 -7.43 20.29 -10.30
C SER D 58 -6.48 19.17 -9.95
N ILE D 59 -5.71 18.69 -10.93
CA ILE D 59 -4.71 17.67 -10.65
C ILE D 59 -3.59 18.21 -9.77
N MET D 60 -3.18 19.46 -10.00
CA MET D 60 -2.13 20.03 -9.17
C MET D 60 -2.64 20.34 -7.75
N ASN D 61 -3.91 20.69 -7.61
CA ASN D 61 -4.49 20.87 -6.29
C ASN D 61 -4.62 19.56 -5.53
N SER D 62 -5.03 18.49 -6.21
CA SER D 62 -5.07 17.17 -5.59
C SER D 62 -3.68 16.68 -5.22
N PHE D 63 -2.69 16.99 -6.05
CA PHE D 63 -1.30 16.62 -5.78
C PHE D 63 -0.79 17.31 -4.53
N VAL D 64 -1.07 18.60 -4.39
CA VAL D 64 -0.58 19.37 -3.25
C VAL D 64 -1.28 18.91 -1.97
N ASN D 65 -2.60 18.65 -2.04
CA ASN D 65 -3.30 18.10 -0.88
C ASN D 65 -2.79 16.72 -0.48
N ASP D 66 -2.48 15.87 -1.47
CA ASP D 66 -2.00 14.52 -1.17
C ASP D 66 -0.63 14.54 -0.52
N VAL D 67 0.33 15.27 -1.11
CA VAL D 67 1.65 15.43 -0.53
C VAL D 67 1.62 16.11 0.83
N PHE D 68 0.72 17.07 1.02
CA PHE D 68 0.51 17.71 2.32
C PHE D 68 0.07 16.70 3.35
N GLU D 69 -0.98 15.93 3.07
CA GLU D 69 -1.47 15.02 4.10
C GLU D 69 -0.62 13.77 4.25
N ARG D 70 0.33 13.54 3.35
CA ARG D 70 1.31 12.49 3.59
C ARG D 70 2.43 12.97 4.48
N ILE D 71 2.95 14.18 4.23
CA ILE D 71 4.01 14.69 5.09
C ILE D 71 3.46 15.00 6.47
N ALA D 72 2.23 15.51 6.53
CA ALA D 72 1.61 15.82 7.81
C ALA D 72 1.26 14.56 8.59
N GLY D 73 0.77 13.51 7.91
CA GLY D 73 0.56 12.25 8.59
C GLY D 73 1.83 11.59 9.09
N GLU D 74 2.91 11.63 8.31
CA GLU D 74 4.17 11.09 8.78
C GLU D 74 4.78 11.90 9.91
N ALA D 75 4.60 13.22 9.91
CA ALA D 75 5.12 14.03 11.01
C ALA D 75 4.31 13.81 12.28
N SER D 76 2.99 13.66 12.13
CA SER D 76 2.13 13.25 13.24
C SER D 76 2.56 11.91 13.80
N ARG D 77 2.87 10.96 12.93
CA ARG D 77 3.25 9.63 13.36
C ARG D 77 4.61 9.65 14.05
N LEU D 78 5.53 10.50 13.59
CA LEU D 78 6.83 10.65 14.23
C LEU D 78 6.69 11.27 15.62
N ALA D 79 5.84 12.28 15.74
CA ALA D 79 5.58 12.89 17.04
C ALA D 79 4.93 11.90 18.00
N HIS D 80 4.05 11.05 17.48
CA HIS D 80 3.43 10.02 18.31
C HIS D 80 4.40 8.92 18.72
N TYR D 81 5.38 8.59 17.86
CA TYR D 81 6.38 7.57 18.23
C TYR D 81 7.29 8.03 19.36
N ASN D 82 7.70 9.29 19.35
CA ASN D 82 8.65 9.76 20.36
C ASN D 82 7.95 10.37 21.57
N LYS D 83 6.63 10.19 21.68
CA LYS D 83 5.81 10.69 22.78
C LYS D 83 5.92 12.20 22.92
N ARG D 84 5.90 12.89 21.79
CA ARG D 84 5.89 14.34 21.72
C ARG D 84 4.48 14.83 21.40
N SER D 85 4.25 16.09 21.72
CA SER D 85 2.98 16.72 21.45
C SER D 85 3.06 17.79 20.37
N THR D 86 4.26 18.12 19.91
CA THR D 86 4.45 19.22 18.98
C THR D 86 5.00 18.68 17.66
N ILE D 87 4.45 19.18 16.57
CA ILE D 87 5.05 19.03 15.26
C ILE D 87 5.94 20.26 15.05
N THR D 88 7.23 20.03 14.88
CA THR D 88 8.17 21.11 14.69
C THR D 88 8.78 20.94 13.30
N SER D 89 9.70 21.82 12.93
CA SER D 89 10.38 21.70 11.65
C SER D 89 11.31 20.49 11.60
N ARG D 90 11.74 20.00 12.75
CA ARG D 90 12.53 18.76 12.78
C ARG D 90 11.69 17.54 12.42
N GLU D 91 10.43 17.49 12.90
CA GLU D 91 9.52 16.44 12.46
C GLU D 91 9.17 16.56 10.98
N ILE D 92 8.96 17.79 10.49
CA ILE D 92 8.66 17.96 9.07
C ILE D 92 9.86 17.60 8.21
N GLN D 93 11.07 17.87 8.69
CA GLN D 93 12.28 17.53 7.95
C GLN D 93 12.50 16.04 7.92
N THR D 94 12.26 15.36 9.04
CA THR D 94 12.36 13.90 9.08
C THR D 94 11.28 13.25 8.21
N ALA D 95 10.08 13.83 8.17
CA ALA D 95 9.03 13.31 7.30
C ALA D 95 9.37 13.50 5.83
N VAL D 96 10.03 14.61 5.49
CA VAL D 96 10.44 14.83 4.10
C VAL D 96 11.54 13.86 3.71
N ARG D 97 12.50 13.61 4.61
CA ARG D 97 13.53 12.62 4.33
C ARG D 97 12.97 11.20 4.25
N LEU D 98 11.91 10.90 4.98
CA LEU D 98 11.33 9.57 4.88
C LEU D 98 10.49 9.41 3.62
N LEU D 99 9.77 10.45 3.21
CA LEU D 99 8.82 10.30 2.12
C LEU D 99 9.43 10.58 0.75
N LEU D 100 10.32 11.56 0.64
CA LEU D 100 10.68 11.88 -0.74
C LEU D 100 11.87 11.04 -1.19
N PRO D 101 11.86 10.58 -2.44
CA PRO D 101 12.90 9.65 -2.90
C PRO D 101 14.14 10.35 -3.43
N GLY D 102 15.32 9.94 -2.97
CA GLY D 102 16.56 10.33 -3.62
C GLY D 102 16.99 11.76 -3.40
N GLU D 103 17.14 12.53 -4.48
CA GLU D 103 17.59 13.91 -4.37
C GLU D 103 16.43 14.89 -4.26
N LEU D 104 15.18 14.43 -4.41
CA LEU D 104 14.04 15.23 -3.98
C LEU D 104 14.13 15.53 -2.48
N ALA D 105 14.46 14.52 -1.67
CA ALA D 105 14.63 14.74 -0.24
C ALA D 105 15.91 15.47 0.09
N LYS D 106 16.82 15.66 -0.86
CA LYS D 106 18.01 16.45 -0.61
C LYS D 106 17.80 17.91 -0.94
N HIS D 107 17.06 18.21 -2.01
CA HIS D 107 16.76 19.59 -2.34
C HIS D 107 15.57 20.16 -1.57
N ALA D 108 14.59 19.34 -1.18
CA ALA D 108 13.47 19.86 -0.40
C ALA D 108 13.85 20.21 1.02
N VAL D 109 14.76 19.45 1.63
CA VAL D 109 15.27 19.80 2.95
C VAL D 109 16.09 21.09 2.90
N SER D 110 16.85 21.29 1.82
CA SER D 110 17.61 22.53 1.66
C SER D 110 16.70 23.72 1.46
N GLU D 111 15.63 23.56 0.66
CA GLU D 111 14.68 24.65 0.44
C GLU D 111 13.92 24.98 1.72
N GLY D 112 13.49 23.97 2.47
CA GLY D 112 12.77 24.23 3.70
C GLY D 112 13.65 24.84 4.78
N THR D 113 14.91 24.39 4.88
CA THR D 113 15.83 24.96 5.85
C THR D 113 16.17 26.39 5.50
N LYS D 114 16.28 26.70 4.20
CA LYS D 114 16.54 28.06 3.77
C LYS D 114 15.36 28.96 4.07
N ALA D 115 14.14 28.46 3.87
CA ALA D 115 12.94 29.25 4.15
C ALA D 115 12.76 29.47 5.64
N VAL D 116 13.08 28.47 6.47
CA VAL D 116 12.95 28.62 7.92
C VAL D 116 14.00 29.58 8.46
N THR D 117 15.23 29.49 7.95
CA THR D 117 16.30 30.42 8.31
C THR D 117 15.94 31.85 7.91
N LYS D 118 15.33 32.02 6.74
CA LYS D 118 14.88 33.35 6.32
C LYS D 118 13.72 33.83 7.19
N TYR D 119 12.82 32.91 7.58
CA TYR D 119 11.62 33.30 8.31
C TYR D 119 11.94 33.72 9.74
N THR D 120 12.87 33.03 10.40
CA THR D 120 13.24 33.40 11.76
C THR D 120 14.15 34.64 11.79
N SER D 121 14.59 35.14 10.64
CA SER D 121 15.27 36.43 10.57
C SER D 121 14.28 37.55 10.29
N LYS E 38 -4.89 -7.68 -57.32
CA LYS E 38 -5.10 -7.78 -55.88
C LYS E 38 -5.11 -6.38 -55.26
N PRO E 39 -6.10 -6.10 -54.40
CA PRO E 39 -6.11 -4.79 -53.72
C PRO E 39 -5.07 -4.69 -52.61
N HIS E 40 -5.10 -3.60 -51.86
CA HIS E 40 -4.17 -3.46 -50.75
C HIS E 40 -4.65 -4.24 -49.53
N ARG E 41 -3.69 -4.77 -48.78
CA ARG E 41 -3.99 -5.63 -47.65
C ARG E 41 -2.81 -5.54 -46.69
N TYR E 42 -3.04 -5.05 -45.48
CA TYR E 42 -1.98 -5.06 -44.49
C TYR E 42 -1.80 -6.42 -43.84
N ARG E 43 -0.54 -6.72 -43.46
CA ARG E 43 -0.17 -7.99 -42.84
C ARG E 43 -0.58 -8.01 -41.38
N PRO E 44 -0.85 -9.19 -40.81
CA PRO E 44 -1.29 -9.24 -39.41
C PRO E 44 -0.20 -8.81 -38.43
N GLY E 45 -0.48 -7.75 -37.67
CA GLY E 45 0.48 -7.14 -36.76
C GLY E 45 0.89 -5.71 -37.06
N THR E 46 0.64 -5.18 -38.25
CA THR E 46 1.06 -3.81 -38.54
C THR E 46 0.02 -2.82 -38.04
N VAL E 47 -1.26 -3.06 -38.33
CA VAL E 47 -2.34 -2.20 -37.86
C VAL E 47 -2.47 -2.31 -36.36
N ALA E 48 -2.07 -3.45 -35.77
CA ALA E 48 -2.05 -3.57 -34.32
C ALA E 48 -1.03 -2.61 -33.72
N LEU E 49 0.15 -2.53 -34.32
CA LEU E 49 1.17 -1.58 -33.86
C LEU E 49 0.75 -0.14 -34.14
N ARG E 50 0.03 0.08 -35.24
CA ARG E 50 -0.52 1.40 -35.52
C ARG E 50 -1.52 1.82 -34.46
N GLU E 51 -2.36 0.89 -33.99
CA GLU E 51 -3.31 1.23 -32.94
C GLU E 51 -2.61 1.40 -31.60
N ILE E 52 -1.51 0.67 -31.36
CA ILE E 52 -0.71 0.88 -30.16
C ILE E 52 -0.14 2.28 -30.14
N ARG E 53 0.43 2.74 -31.26
CA ARG E 53 0.96 4.09 -31.32
C ARG E 53 -0.15 5.15 -31.30
N ARG E 54 -1.34 4.82 -31.80
CA ARG E 54 -2.43 5.80 -31.77
C ARG E 54 -3.00 5.96 -30.36
N TYR E 55 -3.24 4.85 -29.66
CA TYR E 55 -3.85 4.92 -28.34
C TYR E 55 -2.86 5.14 -27.21
N GLN E 56 -1.56 5.02 -27.45
CA GLN E 56 -0.61 5.43 -26.43
C GLN E 56 -0.23 6.89 -26.57
N LYS E 57 -0.75 7.58 -27.59
CA LYS E 57 -0.53 8.99 -27.80
C LYS E 57 -1.74 9.83 -27.40
N SER E 58 -2.92 9.23 -27.39
CA SER E 58 -4.16 9.91 -27.06
C SER E 58 -4.47 9.83 -25.58
N THR E 59 -5.46 10.63 -25.15
CA THR E 59 -5.89 10.64 -23.75
C THR E 59 -7.38 10.37 -23.56
N GLU E 60 -8.08 9.86 -24.57
CA GLU E 60 -9.54 9.74 -24.43
C GLU E 60 -9.88 8.55 -23.53
N LEU E 61 -11.16 8.49 -23.14
CA LEU E 61 -11.68 7.30 -22.48
C LEU E 61 -12.08 6.29 -23.54
N LEU E 62 -11.57 5.07 -23.40
CA LEU E 62 -11.70 4.06 -24.43
C LEU E 62 -12.92 3.18 -24.26
N ILE E 63 -13.60 3.26 -23.14
CA ILE E 63 -14.89 2.59 -22.97
C ILE E 63 -15.95 3.64 -23.28
N ARG E 64 -17.07 3.21 -23.85
CA ARG E 64 -18.20 4.10 -24.06
C ARG E 64 -18.79 4.53 -22.73
N LYS E 65 -19.41 5.72 -22.71
CA LYS E 65 -19.83 6.30 -21.45
C LYS E 65 -21.10 5.64 -20.91
N LEU E 66 -22.10 5.47 -21.76
CA LEU E 66 -23.38 4.92 -21.30
C LEU E 66 -23.34 3.44 -20.93
N PRO E 67 -22.66 2.53 -21.67
CA PRO E 67 -22.51 1.15 -21.14
C PRO E 67 -21.76 1.07 -19.82
N PHE E 68 -20.73 1.88 -19.62
CA PHE E 68 -20.02 1.87 -18.35
C PHE E 68 -20.87 2.41 -17.23
N GLN E 69 -21.64 3.48 -17.51
CA GLN E 69 -22.52 4.03 -16.49
C GLN E 69 -23.64 3.06 -16.13
N ARG E 70 -24.17 2.33 -17.12
CA ARG E 70 -25.16 1.30 -16.85
C ARG E 70 -24.56 0.16 -16.03
N LEU E 71 -23.31 -0.21 -16.30
CA LEU E 71 -22.64 -1.25 -15.52
C LEU E 71 -22.41 -0.81 -14.09
N VAL E 72 -22.07 0.47 -13.90
CA VAL E 72 -21.87 1.01 -12.56
C VAL E 72 -23.17 1.01 -11.77
N ARG E 73 -24.27 1.44 -12.40
CA ARG E 73 -25.57 1.41 -11.71
C ARG E 73 -26.08 0.00 -11.45
N GLU E 74 -25.72 -0.96 -12.29
CA GLU E 74 -26.10 -2.35 -12.04
C GLU E 74 -25.29 -2.95 -10.90
N ILE E 75 -24.00 -2.61 -10.81
CA ILE E 75 -23.21 -3.08 -9.69
C ILE E 75 -23.66 -2.40 -8.39
N ALA E 76 -24.00 -1.11 -8.47
CA ALA E 76 -24.43 -0.39 -7.27
C ALA E 76 -25.83 -0.78 -6.82
N GLN E 77 -26.60 -1.49 -7.66
CA GLN E 77 -27.92 -1.97 -7.21
C GLN E 77 -27.79 -3.04 -6.12
N ASP E 78 -26.69 -3.78 -6.10
CA ASP E 78 -26.52 -4.87 -5.15
C ASP E 78 -26.17 -4.37 -3.75
N PHE E 79 -25.83 -3.09 -3.59
CA PHE E 79 -25.39 -2.54 -2.31
C PHE E 79 -26.41 -1.60 -1.71
N LYS E 80 -27.13 -0.84 -2.52
CA LYS E 80 -28.21 0.02 -2.06
C LYS E 80 -29.19 0.20 -3.20
N THR E 81 -30.48 0.13 -2.89
CA THR E 81 -31.51 0.31 -3.89
C THR E 81 -31.81 1.79 -4.12
N ASP E 82 -32.13 2.10 -5.37
CA ASP E 82 -32.47 3.45 -5.86
C ASP E 82 -31.38 4.46 -5.52
N LEU E 83 -30.16 4.13 -5.92
CA LEU E 83 -29.03 5.03 -5.77
C LEU E 83 -29.03 6.10 -6.84
N ARG E 84 -28.02 6.96 -6.78
CA ARG E 84 -27.95 8.14 -7.62
C ARG E 84 -26.47 8.51 -7.72
N PHE E 85 -26.04 8.91 -8.90
CA PHE E 85 -24.63 9.18 -9.16
C PHE E 85 -24.47 10.58 -9.71
N GLN E 86 -23.39 11.26 -9.33
CA GLN E 86 -23.06 12.49 -10.03
C GLN E 86 -22.54 12.18 -11.43
N SER E 87 -22.49 13.21 -12.28
CA SER E 87 -21.88 13.03 -13.58
C SER E 87 -20.37 12.86 -13.47
N SER E 88 -19.77 13.44 -12.43
CA SER E 88 -18.33 13.40 -12.24
C SER E 88 -17.88 12.13 -11.53
N ALA E 89 -18.75 11.52 -10.72
CA ALA E 89 -18.39 10.28 -10.04
C ALA E 89 -18.25 9.12 -11.00
N VAL E 90 -19.10 9.07 -12.03
CA VAL E 90 -19.00 7.99 -13.01
C VAL E 90 -17.80 8.22 -13.92
N MET E 91 -17.42 9.49 -14.13
CA MET E 91 -16.22 9.75 -14.91
C MET E 91 -14.97 9.41 -14.12
N ALA E 92 -14.98 9.65 -12.80
CA ALA E 92 -13.86 9.23 -11.96
C ALA E 92 -13.76 7.72 -11.86
N LEU E 93 -14.90 7.03 -11.89
CA LEU E 93 -14.88 5.56 -11.90
C LEU E 93 -14.36 5.05 -13.23
N GLN E 94 -14.70 5.72 -14.33
CA GLN E 94 -14.25 5.26 -15.62
C GLN E 94 -12.77 5.51 -15.82
N GLU E 95 -12.28 6.67 -15.35
CA GLU E 95 -10.85 6.95 -15.39
C GLU E 95 -10.06 5.94 -14.58
N ALA E 96 -10.51 5.64 -13.36
CA ALA E 96 -9.79 4.69 -12.52
C ALA E 96 -9.86 3.27 -13.08
N SER E 97 -11.01 2.90 -13.65
CA SER E 97 -11.16 1.55 -14.20
C SER E 97 -10.32 1.36 -15.45
N GLU E 98 -10.29 2.36 -16.34
CA GLU E 98 -9.47 2.23 -17.53
C GLU E 98 -7.99 2.28 -17.20
N ALA E 99 -7.59 3.06 -16.19
CA ALA E 99 -6.20 3.05 -15.78
C ALA E 99 -5.81 1.73 -15.15
N TYR E 100 -6.72 1.12 -14.38
CA TYR E 100 -6.48 -0.19 -13.79
C TYR E 100 -6.34 -1.26 -14.86
N LEU E 101 -7.21 -1.24 -15.85
CA LEU E 101 -7.18 -2.27 -16.88
C LEU E 101 -5.97 -2.10 -17.80
N VAL E 102 -5.59 -0.85 -18.11
CA VAL E 102 -4.40 -0.63 -18.92
C VAL E 102 -3.14 -1.04 -18.16
N ALA E 103 -3.04 -0.68 -16.87
CA ALA E 103 -1.88 -1.10 -16.09
C ALA E 103 -1.88 -2.59 -15.78
N LEU E 104 -3.02 -3.25 -15.92
CA LEU E 104 -3.02 -4.71 -15.86
C LEU E 104 -2.62 -5.34 -17.19
N PHE E 105 -3.03 -4.74 -18.31
CA PHE E 105 -2.66 -5.26 -19.62
C PHE E 105 -1.19 -5.07 -19.93
N GLU E 106 -0.54 -4.07 -19.32
CA GLU E 106 0.90 -3.95 -19.46
C GLU E 106 1.61 -5.12 -18.78
N ASP E 107 1.17 -5.46 -17.57
CA ASP E 107 1.71 -6.62 -16.87
C ASP E 107 1.37 -7.92 -17.57
N THR E 108 0.18 -8.01 -18.15
CA THR E 108 -0.20 -9.17 -18.94
C THR E 108 0.67 -9.33 -20.18
N ASN E 109 1.02 -8.21 -20.82
CA ASN E 109 1.94 -8.26 -21.96
C ASN E 109 3.33 -8.71 -21.54
N LEU E 110 3.77 -8.27 -20.36
CA LEU E 110 5.08 -8.73 -19.85
C LEU E 110 5.06 -10.22 -19.54
N CYS E 111 3.96 -10.72 -18.98
CA CYS E 111 3.84 -12.16 -18.72
C CYS E 111 3.78 -12.97 -20.01
N ALA E 112 3.13 -12.42 -21.05
CA ALA E 112 3.09 -13.11 -22.34
C ALA E 112 4.46 -13.13 -23.00
N ILE E 113 5.19 -12.02 -22.94
CA ILE E 113 6.52 -11.92 -23.54
C ILE E 113 7.51 -12.80 -22.79
N HIS E 114 7.30 -12.98 -21.47
CA HIS E 114 8.18 -13.83 -20.67
C HIS E 114 8.12 -15.29 -21.11
N ALA E 115 6.95 -15.76 -21.50
CA ALA E 115 6.77 -17.12 -21.98
C ALA E 115 7.11 -17.28 -23.46
N LYS E 116 7.80 -16.29 -24.04
CA LYS E 116 8.19 -16.26 -25.45
C LYS E 116 6.98 -16.38 -26.37
N ARG E 117 5.97 -15.57 -26.08
CA ARG E 117 4.78 -15.42 -26.89
C ARG E 117 4.58 -13.93 -27.16
N VAL E 118 3.67 -13.63 -28.09
CA VAL E 118 3.19 -12.27 -28.28
C VAL E 118 1.69 -12.18 -28.10
N THR E 119 0.99 -13.30 -27.95
CA THR E 119 -0.41 -13.30 -27.61
C THR E 119 -0.58 -13.32 -26.10
N ILE E 120 -1.51 -12.54 -25.61
CA ILE E 120 -1.86 -12.57 -24.19
C ILE E 120 -3.01 -13.54 -24.02
N MET E 121 -3.02 -14.24 -22.89
CA MET E 121 -3.95 -15.33 -22.62
C MET E 121 -4.48 -15.17 -21.20
N PRO E 122 -5.59 -15.84 -20.86
CA PRO E 122 -6.10 -15.76 -19.47
C PRO E 122 -5.12 -16.24 -18.42
N LYS E 123 -4.21 -17.15 -18.77
CA LYS E 123 -3.16 -17.55 -17.84
C LYS E 123 -2.20 -16.40 -17.57
N ASP E 124 -1.97 -15.52 -18.55
CA ASP E 124 -1.14 -14.34 -18.30
C ASP E 124 -1.83 -13.35 -17.35
N ILE E 125 -3.15 -13.16 -17.51
CA ILE E 125 -3.89 -12.29 -16.60
C ILE E 125 -3.90 -12.86 -15.20
N GLN E 126 -4.10 -14.17 -15.07
CA GLN E 126 -4.15 -14.81 -13.76
C GLN E 126 -2.78 -14.77 -13.08
N LEU E 127 -1.71 -14.95 -13.85
CA LEU E 127 -0.38 -14.81 -13.28
C LEU E 127 -0.09 -13.38 -12.85
N ALA E 128 -0.46 -12.40 -13.68
CA ALA E 128 -0.18 -11.00 -13.35
C ALA E 128 -0.95 -10.56 -12.10
N ARG E 129 -2.17 -11.07 -11.92
CA ARG E 129 -2.91 -10.74 -10.71
C ARG E 129 -2.43 -11.51 -9.50
N ARG E 130 -1.92 -12.74 -9.68
CA ARG E 130 -1.37 -13.44 -8.52
C ARG E 130 -0.04 -12.83 -8.07
N ILE E 131 0.79 -12.36 -9.01
CA ILE E 131 2.05 -11.72 -8.63
C ILE E 131 1.81 -10.35 -7.99
N ARG E 132 0.84 -9.59 -8.52
CA ARG E 132 0.53 -8.29 -7.91
C ARG E 132 -0.13 -8.44 -6.55
N GLY E 133 -0.83 -9.54 -6.31
CA GLY E 133 -1.35 -9.81 -4.99
C GLY E 133 -2.82 -9.46 -4.87
N GLU E 134 -3.60 -9.89 -5.85
CA GLU E 134 -5.04 -9.62 -5.86
C GLU E 134 -5.87 -10.88 -5.74
N ARG E 135 -5.26 -12.05 -5.84
CA ARG E 135 -5.94 -13.32 -5.60
C ARG E 135 -5.07 -14.23 -4.75
N LEU F 23 -31.67 -3.16 -13.57
CA LEU F 23 -30.85 -3.43 -14.74
C LEU F 23 -30.20 -4.81 -14.60
N ARG F 24 -30.10 -5.54 -15.70
CA ARG F 24 -29.43 -6.83 -15.71
C ARG F 24 -28.45 -6.94 -16.85
N ASP F 25 -27.28 -7.51 -16.55
CA ASP F 25 -26.27 -7.96 -17.52
C ASP F 25 -25.77 -6.82 -18.41
N ASN F 26 -25.18 -5.82 -17.76
CA ASN F 26 -24.56 -4.71 -18.44
C ASN F 26 -23.05 -4.88 -18.60
N ILE F 27 -22.52 -6.03 -18.19
CA ILE F 27 -21.09 -6.30 -18.33
C ILE F 27 -20.73 -6.55 -19.79
N GLN F 28 -21.70 -6.92 -20.63
CA GLN F 28 -21.47 -7.04 -22.06
C GLN F 28 -21.49 -5.70 -22.77
N GLY F 29 -21.79 -4.61 -22.05
CA GLY F 29 -21.55 -3.28 -22.59
C GLY F 29 -20.09 -2.91 -22.65
N ILE F 30 -19.24 -3.59 -21.90
CA ILE F 30 -17.80 -3.48 -22.10
C ILE F 30 -17.47 -4.41 -23.25
N THR F 31 -17.53 -3.88 -24.46
CA THR F 31 -17.50 -4.70 -25.66
C THR F 31 -16.09 -5.19 -25.95
N LYS F 32 -16.01 -6.16 -26.86
CA LYS F 32 -14.72 -6.63 -27.35
C LYS F 32 -13.85 -5.56 -28.01
N PRO F 33 -14.36 -4.62 -28.83
CA PRO F 33 -13.47 -3.54 -29.28
C PRO F 33 -13.00 -2.61 -28.18
N ALA F 34 -13.77 -2.40 -27.11
CA ALA F 34 -13.31 -1.56 -26.00
C ALA F 34 -12.18 -2.23 -25.24
N ILE F 35 -12.30 -3.53 -25.00
CA ILE F 35 -11.22 -4.30 -24.37
C ILE F 35 -10.00 -4.33 -25.28
N ARG F 36 -10.21 -4.37 -26.60
CA ARG F 36 -9.08 -4.33 -27.51
C ARG F 36 -8.41 -2.96 -27.51
N ARG F 37 -9.18 -1.87 -27.35
CA ARG F 37 -8.57 -0.55 -27.25
C ARG F 37 -7.78 -0.39 -25.95
N LEU F 38 -8.31 -0.92 -24.84
CA LEU F 38 -7.58 -0.87 -23.58
C LEU F 38 -6.31 -1.73 -23.63
N ALA F 39 -6.34 -2.83 -24.37
CA ALA F 39 -5.13 -3.61 -24.54
C ALA F 39 -4.13 -2.92 -25.47
N ARG F 40 -4.62 -2.20 -26.48
CA ARG F 40 -3.74 -1.43 -27.35
C ARG F 40 -3.04 -0.32 -26.58
N ARG F 41 -3.76 0.36 -25.69
CA ARG F 41 -3.10 1.33 -24.82
C ARG F 41 -2.13 0.67 -23.85
N GLY F 42 -2.40 -0.56 -23.43
CA GLY F 42 -1.46 -1.31 -22.65
C GLY F 42 -0.28 -1.89 -23.38
N GLY F 43 -0.18 -1.69 -24.69
CA GLY F 43 0.95 -2.18 -25.44
C GLY F 43 0.84 -3.60 -25.95
N VAL F 44 -0.37 -4.12 -26.10
CA VAL F 44 -0.59 -5.53 -26.43
C VAL F 44 -0.81 -5.64 -27.93
N LYS F 45 -0.06 -6.53 -28.57
CA LYS F 45 -0.09 -6.65 -30.03
C LYS F 45 -1.11 -7.68 -30.51
N ARG F 46 -1.27 -8.79 -29.78
CA ARG F 46 -2.11 -9.88 -30.21
C ARG F 46 -2.90 -10.40 -29.01
N ILE F 47 -4.20 -10.63 -29.19
CA ILE F 47 -5.12 -10.86 -28.09
C ILE F 47 -5.86 -12.17 -28.35
N SER F 48 -5.85 -13.06 -27.36
CA SER F 48 -6.63 -14.27 -27.47
C SER F 48 -8.12 -14.00 -27.30
N GLY F 49 -8.93 -14.96 -27.72
CA GLY F 49 -10.38 -14.76 -27.69
C GLY F 49 -11.00 -14.94 -26.32
N LEU F 50 -10.31 -15.63 -25.41
CA LEU F 50 -10.78 -15.83 -24.05
C LEU F 50 -10.35 -14.71 -23.11
N ILE F 51 -9.74 -13.65 -23.65
CA ILE F 51 -9.31 -12.52 -22.83
C ILE F 51 -10.51 -11.69 -22.42
N TYR F 52 -11.56 -11.68 -23.24
CA TYR F 52 -12.66 -10.74 -23.03
C TYR F 52 -13.52 -11.09 -21.83
N GLU F 53 -13.82 -12.37 -21.62
CA GLU F 53 -14.57 -12.75 -20.42
C GLU F 53 -13.74 -12.63 -19.15
N GLU F 54 -12.43 -12.92 -19.23
CA GLU F 54 -11.55 -12.74 -18.09
C GLU F 54 -11.41 -11.27 -17.71
N THR F 55 -11.34 -10.39 -18.72
CA THR F 55 -11.24 -8.96 -18.49
C THR F 55 -12.54 -8.39 -17.94
N ARG F 56 -13.68 -8.89 -18.42
CA ARG F 56 -14.97 -8.46 -17.89
C ARG F 56 -15.13 -8.89 -16.44
N GLY F 57 -14.65 -10.08 -16.09
CA GLY F 57 -14.69 -10.50 -14.69
C GLY F 57 -13.77 -9.68 -13.81
N VAL F 58 -12.59 -9.32 -14.32
CA VAL F 58 -11.64 -8.51 -13.56
C VAL F 58 -12.19 -7.11 -13.33
N LEU F 59 -12.79 -6.52 -14.36
CA LEU F 59 -13.39 -5.19 -14.24
C LEU F 59 -14.58 -5.22 -13.31
N LYS F 60 -15.37 -6.30 -13.32
CA LYS F 60 -16.50 -6.39 -12.43
C LYS F 60 -16.05 -6.53 -10.98
N VAL F 61 -14.95 -7.25 -10.73
CA VAL F 61 -14.43 -7.39 -9.37
C VAL F 61 -13.90 -6.05 -8.86
N PHE F 62 -13.16 -5.32 -9.71
CA PHE F 62 -12.63 -4.01 -9.34
C PHE F 62 -13.75 -3.02 -9.06
N LEU F 63 -14.75 -3.00 -9.93
CA LEU F 63 -15.84 -2.07 -9.77
C LEU F 63 -16.70 -2.43 -8.57
N GLU F 64 -16.87 -3.72 -8.27
CA GLU F 64 -17.57 -4.11 -7.06
C GLU F 64 -16.87 -3.62 -5.81
N ASN F 65 -15.55 -3.78 -5.73
CA ASN F 65 -14.83 -3.33 -4.53
C ASN F 65 -14.83 -1.82 -4.37
N VAL F 66 -14.74 -1.09 -5.49
CA VAL F 66 -14.71 0.37 -5.40
C VAL F 66 -16.10 0.92 -5.13
N ILE F 67 -17.12 0.39 -5.80
CA ILE F 67 -18.46 0.92 -5.62
C ILE F 67 -18.97 0.54 -4.24
N ARG F 68 -18.56 -0.62 -3.70
CA ARG F 68 -18.94 -0.99 -2.33
C ARG F 68 -18.34 -0.02 -1.31
N ASP F 69 -17.07 0.36 -1.49
CA ASP F 69 -16.48 1.32 -0.57
C ASP F 69 -17.07 2.72 -0.75
N ALA F 70 -17.34 3.12 -1.99
CA ALA F 70 -17.93 4.44 -2.25
C ALA F 70 -19.35 4.54 -1.72
N VAL F 71 -20.11 3.44 -1.77
CA VAL F 71 -21.47 3.44 -1.22
C VAL F 71 -21.42 3.44 0.30
N THR F 72 -20.42 2.78 0.90
CA THR F 72 -20.25 2.87 2.35
C THR F 72 -19.92 4.30 2.79
N TYR F 73 -19.01 4.98 2.07
CA TYR F 73 -18.73 6.39 2.32
C TYR F 73 -19.96 7.27 2.08
N THR F 74 -20.80 6.90 1.12
CA THR F 74 -21.98 7.71 0.80
C THR F 74 -23.05 7.58 1.87
N GLU F 75 -23.34 6.36 2.30
CA GLU F 75 -24.40 6.20 3.29
C GLU F 75 -23.91 6.42 4.71
N HIS F 76 -22.61 6.62 4.92
CA HIS F 76 -22.19 7.22 6.17
C HIS F 76 -22.62 8.67 6.27
N ALA F 77 -22.52 9.41 5.17
CA ALA F 77 -22.91 10.82 5.12
C ALA F 77 -24.41 11.05 5.11
N LYS F 78 -25.22 9.98 5.12
CA LYS F 78 -26.69 10.03 5.01
C LYS F 78 -27.13 10.72 3.72
N ARG F 79 -26.38 10.47 2.65
CA ARG F 79 -26.71 10.94 1.32
C ARG F 79 -27.37 9.82 0.53
N LYS F 80 -27.91 10.20 -0.62
CA LYS F 80 -28.45 9.23 -1.56
C LYS F 80 -27.72 9.30 -2.90
N THR F 81 -26.79 10.23 -3.05
CA THR F 81 -26.03 10.41 -4.28
C THR F 81 -24.57 10.04 -4.00
N VAL F 82 -24.01 9.17 -4.83
CA VAL F 82 -22.59 8.88 -4.73
C VAL F 82 -21.84 10.00 -5.44
N THR F 83 -21.17 10.85 -4.68
CA THR F 83 -20.41 11.95 -5.25
C THR F 83 -19.05 11.47 -5.74
N ALA F 84 -18.34 12.33 -6.45
CA ALA F 84 -17.00 11.99 -6.92
C ALA F 84 -16.00 11.96 -5.79
N MET F 85 -16.27 12.69 -4.70
CA MET F 85 -15.36 12.66 -3.56
C MET F 85 -15.40 11.31 -2.87
N ASP F 86 -16.58 10.66 -2.82
CA ASP F 86 -16.66 9.34 -2.24
C ASP F 86 -15.91 8.31 -3.06
N VAL F 87 -15.93 8.46 -4.39
CA VAL F 87 -15.16 7.58 -5.27
C VAL F 87 -13.66 7.85 -5.10
N VAL F 88 -13.27 9.11 -4.93
CA VAL F 88 -11.86 9.45 -4.75
C VAL F 88 -11.34 8.89 -3.43
N TYR F 89 -12.15 8.97 -2.37
CA TYR F 89 -11.77 8.39 -1.08
C TYR F 89 -11.74 6.87 -1.13
N ALA F 90 -12.71 6.26 -1.82
CA ALA F 90 -12.76 4.80 -1.94
C ALA F 90 -11.59 4.26 -2.74
N LEU F 91 -11.09 5.05 -3.69
CA LEU F 91 -9.88 4.67 -4.41
C LEU F 91 -8.63 4.95 -3.59
N LYS F 92 -8.63 6.03 -2.81
CA LYS F 92 -7.49 6.40 -1.99
C LYS F 92 -7.22 5.38 -0.90
N ARG F 93 -8.27 4.74 -0.39
CA ARG F 93 -8.09 3.73 0.63
C ARG F 93 -7.75 2.35 0.08
N GLN F 94 -7.55 2.20 -1.22
CA GLN F 94 -7.05 0.95 -1.78
C GLN F 94 -5.68 1.10 -2.42
N GLY F 95 -5.05 2.27 -2.28
CA GLY F 95 -3.77 2.58 -2.86
C GLY F 95 -3.79 2.86 -4.34
N ARG F 96 -4.92 3.31 -4.86
CA ARG F 96 -5.10 3.65 -6.28
C ARG F 96 -5.61 5.07 -6.37
N THR F 97 -4.90 5.95 -5.66
CA THR F 97 -5.17 7.37 -5.54
C THR F 97 -5.33 8.04 -6.90
N LEU F 98 -6.43 8.79 -7.05
CA LEU F 98 -6.84 9.36 -8.32
C LEU F 98 -6.85 10.87 -8.18
N TYR F 99 -6.05 11.53 -9.01
CA TYR F 99 -5.93 12.98 -9.04
C TYR F 99 -6.82 13.54 -10.14
N GLY F 100 -7.56 14.59 -9.82
CA GLY F 100 -8.33 15.27 -10.84
C GLY F 100 -9.75 15.57 -10.46
N PHE F 101 -10.22 14.97 -9.38
CA PHE F 101 -11.62 15.07 -9.00
C PHE F 101 -11.78 15.60 -7.58
N GLY F 102 -10.73 16.20 -7.04
CA GLY F 102 -10.76 16.73 -5.69
C GLY F 102 -10.05 15.82 -4.71
N GLY G 108 -17.01 -1.77 36.30
CA GLY G 108 -16.30 -0.96 35.33
C GLY G 108 -16.99 -0.97 33.98
N ARG G 109 -16.50 -0.15 33.04
CA ARG G 109 -17.08 -0.11 31.71
C ARG G 109 -16.77 -1.36 30.90
N SER G 110 -15.68 -2.06 31.20
CA SER G 110 -15.42 -3.34 30.56
C SER G 110 -16.45 -4.39 30.94
N SER G 111 -16.96 -4.35 32.16
CA SER G 111 -17.96 -5.32 32.58
C SER G 111 -19.37 -4.80 32.48
N ARG G 112 -19.55 -3.48 32.29
CA ARG G 112 -20.88 -2.94 32.02
C ARG G 112 -21.35 -3.33 30.62
N ALA G 113 -20.43 -3.44 29.68
CA ALA G 113 -20.73 -3.80 28.29
C ALA G 113 -20.62 -5.29 28.02
N GLY G 114 -20.14 -6.09 28.98
CA GLY G 114 -20.00 -7.51 28.73
C GLY G 114 -18.77 -7.89 27.93
N LEU G 115 -17.68 -7.16 28.08
CA LEU G 115 -16.50 -7.34 27.25
C LEU G 115 -15.32 -7.77 28.11
N GLN G 116 -14.28 -8.27 27.45
CA GLN G 116 -13.02 -8.55 28.10
C GLN G 116 -11.94 -7.52 27.77
N PHE G 117 -12.17 -6.68 26.81
CA PHE G 117 -11.18 -5.69 26.42
C PHE G 117 -11.42 -4.36 27.12
N PRO G 118 -10.36 -3.57 27.40
CA PRO G 118 -10.50 -2.41 28.30
C PRO G 118 -11.12 -1.22 27.58
N VAL G 119 -12.37 -0.94 27.91
CA VAL G 119 -13.10 0.15 27.28
C VAL G 119 -12.49 1.50 27.68
N GLY G 120 -12.02 1.60 28.92
CA GLY G 120 -11.42 2.84 29.36
C GLY G 120 -10.05 3.10 28.76
N ARG G 121 -9.24 2.05 28.60
CA ARG G 121 -7.94 2.21 27.96
C ARG G 121 -8.07 2.51 26.47
N VAL G 122 -9.06 1.91 25.80
CA VAL G 122 -9.33 2.23 24.40
C VAL G 122 -9.84 3.67 24.28
N HIS G 123 -10.64 4.10 25.25
CA HIS G 123 -11.07 5.49 25.32
C HIS G 123 -9.90 6.44 25.51
N ARG G 124 -8.94 6.08 26.36
CA ARG G 124 -7.75 6.91 26.55
C ARG G 124 -6.91 6.98 25.28
N LEU G 125 -6.71 5.85 24.61
CA LEU G 125 -5.91 5.85 23.39
C LEU G 125 -6.58 6.60 22.25
N LEU G 126 -7.92 6.60 22.23
CA LEU G 126 -8.63 7.43 21.25
C LEU G 126 -8.55 8.91 21.61
N ARG G 127 -8.65 9.25 22.90
CA ARG G 127 -8.57 10.65 23.27
C ARG G 127 -7.15 11.20 23.16
N LYS G 128 -6.14 10.34 23.21
CA LYS G 128 -4.75 10.79 23.17
C LYS G 128 -4.02 10.29 21.94
N GLY G 129 -4.74 9.95 20.87
CA GLY G 129 -4.08 9.36 19.72
C GLY G 129 -4.09 10.31 18.55
N ASN G 130 -4.60 11.52 18.78
CA ASN G 130 -4.84 12.56 17.76
C ASN G 130 -5.70 12.02 16.63
N TYR G 131 -6.93 11.65 16.97
CA TYR G 131 -7.87 11.09 16.02
C TYR G 131 -9.03 11.99 15.71
N ALA G 132 -9.62 12.63 16.71
CA ALA G 132 -10.60 13.67 16.48
C ALA G 132 -10.60 14.63 17.66
N GLU G 133 -11.29 15.76 17.49
CA GLU G 133 -11.33 16.77 18.52
C GLU G 133 -12.13 16.32 19.74
N ARG G 134 -13.13 15.46 19.56
CA ARG G 134 -13.80 14.86 20.70
C ARG G 134 -14.13 13.43 20.35
N VAL G 135 -14.35 12.60 21.35
CA VAL G 135 -14.57 11.17 21.14
C VAL G 135 -15.84 10.79 21.89
N GLY G 136 -16.79 10.23 21.18
CA GLY G 136 -18.07 9.86 21.76
C GLY G 136 -17.98 8.75 22.78
N ALA G 137 -19.13 8.47 23.40
CA ALA G 137 -19.16 7.51 24.50
C ALA G 137 -19.21 6.08 24.02
N GLY G 138 -20.00 5.79 22.98
CA GLY G 138 -20.11 4.43 22.48
C GLY G 138 -19.02 4.01 21.54
N ALA G 139 -18.12 4.91 21.17
CA ALA G 139 -17.06 4.56 20.23
C ALA G 139 -15.96 3.70 20.84
N PRO G 140 -15.47 3.93 22.08
CA PRO G 140 -14.57 2.91 22.65
C PRO G 140 -15.24 1.60 22.98
N VAL G 141 -16.55 1.60 23.21
CA VAL G 141 -17.27 0.35 23.45
C VAL G 141 -17.34 -0.46 22.17
N TYR G 142 -17.70 0.20 21.07
CA TYR G 142 -17.76 -0.45 19.76
C TYR G 142 -16.38 -0.94 19.33
N LEU G 143 -15.34 -0.11 19.53
CA LEU G 143 -14.01 -0.49 19.10
C LEU G 143 -13.44 -1.61 19.96
N ALA G 144 -13.75 -1.64 21.26
CA ALA G 144 -13.31 -2.73 22.11
C ALA G 144 -14.04 -4.02 21.76
N ALA G 145 -15.32 -3.94 21.38
CA ALA G 145 -16.04 -5.14 20.99
C ALA G 145 -15.52 -5.70 19.67
N VAL G 146 -15.16 -4.82 18.73
CA VAL G 146 -14.61 -5.27 17.46
C VAL G 146 -13.23 -5.87 17.65
N LEU G 147 -12.40 -5.25 18.51
CA LEU G 147 -11.09 -5.82 18.84
C LEU G 147 -11.21 -7.16 19.53
N GLU G 148 -12.21 -7.34 20.40
CA GLU G 148 -12.38 -8.62 21.08
C GLU G 148 -12.87 -9.70 20.12
N TYR G 149 -13.77 -9.36 19.20
CA TYR G 149 -14.20 -10.32 18.19
C TYR G 149 -13.04 -10.74 17.30
N LEU G 150 -12.25 -9.76 16.84
CA LEU G 150 -11.15 -10.05 15.93
C LEU G 150 -10.01 -10.76 16.63
N THR G 151 -9.90 -10.65 17.95
CA THR G 151 -8.95 -11.45 18.71
C THR G 151 -9.47 -12.86 18.91
N ALA G 152 -10.78 -13.00 19.18
CA ALA G 152 -11.39 -14.30 19.39
C ALA G 152 -11.34 -15.18 18.16
N GLU G 153 -11.49 -14.59 16.97
CA GLU G 153 -11.41 -15.37 15.73
C GLU G 153 -10.01 -15.92 15.48
N ILE G 154 -8.99 -15.07 15.55
CA ILE G 154 -7.63 -15.52 15.30
C ILE G 154 -7.16 -16.47 16.41
N LEU G 155 -7.64 -16.29 17.64
CA LEU G 155 -7.25 -17.20 18.71
C LEU G 155 -7.98 -18.53 18.64
N GLU G 156 -9.21 -18.55 18.10
CA GLU G 156 -9.90 -19.82 17.91
C GLU G 156 -9.24 -20.64 16.83
N LEU G 157 -8.92 -19.99 15.69
CA LEU G 157 -8.26 -20.70 14.61
C LEU G 157 -6.85 -21.11 14.97
N ALA G 158 -6.15 -20.32 15.79
CA ALA G 158 -4.82 -20.69 16.23
C ALA G 158 -4.87 -21.82 17.25
N GLY G 159 -5.91 -21.87 18.08
CA GLY G 159 -6.05 -22.99 18.99
C GLY G 159 -6.42 -24.28 18.30
N ASN G 160 -7.23 -24.20 17.24
CA ASN G 160 -7.49 -25.38 16.41
C ASN G 160 -6.23 -25.87 15.71
N ALA G 161 -5.45 -24.95 15.13
CA ALA G 161 -4.19 -25.35 14.50
C ALA G 161 -3.15 -25.83 15.49
N ALA G 162 -3.21 -25.38 16.75
CA ALA G 162 -2.33 -25.92 17.77
C ALA G 162 -2.78 -27.31 18.22
N ARG G 163 -4.08 -27.54 18.30
CA ARG G 163 -4.57 -28.88 18.66
C ARG G 163 -4.32 -29.89 17.54
N ASP G 164 -4.32 -29.45 16.28
CA ASP G 164 -4.04 -30.38 15.18
C ASP G 164 -2.59 -30.84 15.17
N ASN G 165 -1.67 -30.05 15.69
CA ASN G 165 -0.29 -30.48 15.85
C ASN G 165 -0.02 -31.06 17.23
N LYS G 166 -1.07 -31.44 17.97
CA LYS G 166 -1.00 -32.12 19.27
C LYS G 166 -0.23 -31.29 20.31
N LYS G 167 -0.49 -29.98 20.34
CA LYS G 167 0.16 -29.08 21.26
C LYS G 167 -0.91 -28.29 22.02
N THR G 168 -0.59 -27.96 23.27
CA THR G 168 -1.49 -27.21 24.14
C THR G 168 -0.97 -25.80 24.40
N ARG G 169 -0.29 -25.22 23.42
CA ARG G 169 0.27 -23.89 23.56
C ARG G 169 0.47 -23.31 22.17
N ILE G 170 0.07 -22.06 21.98
CA ILE G 170 0.12 -21.42 20.67
C ILE G 170 1.51 -20.84 20.48
N ILE G 171 2.14 -21.21 19.36
CA ILE G 171 3.45 -20.70 18.97
C ILE G 171 3.15 -19.81 17.77
N PRO G 172 4.08 -18.99 17.25
CA PRO G 172 3.76 -18.20 16.04
C PRO G 172 3.42 -18.99 14.80
N ARG G 173 3.89 -20.23 14.68
CA ARG G 173 3.55 -21.08 13.55
C ARG G 173 2.05 -21.33 13.47
N HIS G 174 1.41 -21.52 14.62
CA HIS G 174 -0.03 -21.77 14.65
C HIS G 174 -0.81 -20.52 14.28
N LEU G 175 -0.32 -19.35 14.69
CA LEU G 175 -0.93 -18.09 14.27
C LEU G 175 -0.80 -17.87 12.76
N GLN G 176 0.36 -18.18 12.20
CA GLN G 176 0.55 -18.04 10.75
C GLN G 176 -0.35 -19.00 9.99
N LEU G 177 -0.46 -20.25 10.46
CA LEU G 177 -1.33 -21.23 9.81
C LEU G 177 -2.79 -20.79 9.91
N ALA G 178 -3.20 -20.31 11.09
CA ALA G 178 -4.54 -19.78 11.29
C ALA G 178 -4.87 -18.63 10.35
N VAL G 179 -3.95 -17.69 10.13
CA VAL G 179 -4.31 -16.54 9.31
C VAL G 179 -4.16 -16.78 7.81
N ARG G 180 -3.24 -17.63 7.38
CA ARG G 180 -3.06 -17.83 5.95
C ARG G 180 -3.99 -18.88 5.36
N ASN G 181 -4.68 -19.64 6.21
CA ASN G 181 -5.70 -20.57 5.71
C ASN G 181 -7.07 -19.91 5.64
N ASP G 182 -7.32 -18.94 6.51
CA ASP G 182 -8.65 -18.33 6.64
C ASP G 182 -8.70 -17.20 5.64
N GLU G 183 -9.74 -17.16 4.81
CA GLU G 183 -9.76 -16.24 3.68
C GLU G 183 -9.97 -14.80 4.12
N GLU G 184 -10.85 -14.59 5.11
CA GLU G 184 -11.14 -13.23 5.56
C GLU G 184 -9.96 -12.65 6.32
N LEU G 185 -9.31 -13.45 7.18
CA LEU G 185 -8.12 -13.00 7.87
C LEU G 185 -6.93 -12.85 6.92
N ASN G 186 -6.89 -13.64 5.84
CA ASN G 186 -5.80 -13.46 4.89
C ASN G 186 -5.99 -12.21 4.06
N LYS G 187 -7.23 -11.77 3.85
CA LYS G 187 -7.40 -10.49 3.19
C LYS G 187 -7.17 -9.33 4.17
N LEU G 188 -7.47 -9.54 5.45
CA LEU G 188 -7.15 -8.54 6.47
C LEU G 188 -5.64 -8.43 6.69
N LEU G 189 -4.94 -9.56 6.69
CA LEU G 189 -3.51 -9.61 6.99
C LEU G 189 -2.69 -10.04 5.79
N GLY G 190 -2.99 -9.48 4.62
CA GLY G 190 -2.27 -9.85 3.42
C GLY G 190 -0.87 -9.27 3.36
N ARG G 191 -0.73 -8.02 3.81
CA ARG G 191 0.55 -7.32 3.78
C ARG G 191 1.24 -7.35 5.14
N VAL G 192 1.09 -8.45 5.88
CA VAL G 192 1.62 -8.57 7.23
C VAL G 192 2.55 -9.78 7.29
N THR G 193 3.75 -9.57 7.80
CA THR G 193 4.67 -10.65 8.13
C THR G 193 4.60 -10.99 9.61
N ILE G 194 4.31 -12.24 9.93
CA ILE G 194 4.30 -12.74 11.30
C ILE G 194 5.65 -13.40 11.56
N ALA G 195 6.35 -12.94 12.59
CA ALA G 195 7.73 -13.37 12.83
C ALA G 195 7.77 -14.80 13.36
N GLN G 196 8.67 -15.60 12.78
CA GLN G 196 8.80 -17.04 13.04
C GLN G 196 7.50 -17.76 12.74
N GLY G 197 6.83 -17.34 11.67
CA GLY G 197 5.60 -17.98 11.27
C GLY G 197 5.79 -18.99 10.16
N GLY G 198 6.84 -18.83 9.37
CA GLY G 198 7.00 -19.73 8.25
C GLY G 198 6.01 -19.41 7.13
N VAL G 199 5.77 -20.42 6.30
CA VAL G 199 4.83 -20.35 5.19
C VAL G 199 3.88 -21.53 5.28
N LEU G 200 2.84 -21.50 4.47
CA LEU G 200 1.98 -22.67 4.34
C LEU G 200 2.68 -23.75 3.52
N PRO G 201 2.52 -25.02 3.90
CA PRO G 201 2.99 -26.10 3.04
C PRO G 201 2.26 -26.09 1.72
N ASN G 202 3.01 -25.87 0.64
CA ASN G 202 2.41 -25.68 -0.67
C ASN G 202 3.47 -26.02 -1.71
N ILE G 203 3.27 -27.12 -2.42
CA ILE G 203 4.09 -27.47 -3.57
C ILE G 203 3.21 -27.39 -4.80
N GLN G 204 3.73 -26.80 -5.86
CA GLN G 204 3.05 -26.76 -7.13
C GLN G 204 2.93 -28.16 -7.73
N SER G 205 1.92 -28.34 -8.58
CA SER G 205 1.63 -29.64 -9.15
C SER G 205 2.64 -30.05 -10.22
N VAL G 206 3.32 -29.09 -10.84
CA VAL G 206 4.26 -29.43 -11.91
C VAL G 206 5.59 -29.92 -11.34
N LEU G 207 5.84 -29.67 -10.06
CA LEU G 207 7.07 -30.10 -9.41
C LEU G 207 7.01 -31.51 -8.84
N LEU G 208 5.85 -32.13 -8.81
CA LEU G 208 5.77 -33.48 -8.28
C LEU G 208 6.24 -34.49 -9.33
N PRO G 209 6.70 -35.67 -8.90
CA PRO G 209 7.05 -36.72 -9.85
C PRO G 209 5.83 -37.23 -10.62
N LYS G 210 6.10 -37.66 -11.86
CA LYS G 210 5.09 -37.67 -12.91
C LYS G 210 4.16 -38.88 -12.76
N ARG H 27 15.42 -0.32 40.98
CA ARG H 27 13.99 -0.50 41.16
C ARG H 27 13.31 -1.01 39.89
N ARG H 28 11.98 -0.92 39.87
CA ARG H 28 11.20 -1.32 38.71
C ARG H 28 11.42 -0.32 37.58
N LYS H 29 11.24 -0.78 36.34
CA LYS H 29 11.59 0.04 35.18
C LYS H 29 10.51 1.05 34.80
N THR H 30 9.35 0.58 34.32
CA THR H 30 8.35 1.41 33.66
C THR H 30 7.08 0.61 33.43
N ARG H 31 5.97 1.31 33.33
CA ARG H 31 4.66 0.67 33.36
C ARG H 31 4.15 0.44 31.95
N LYS H 32 4.80 -0.48 31.22
CA LYS H 32 4.48 -0.78 29.82
C LYS H 32 3.08 -1.40 29.80
N GLU H 33 2.07 -0.61 29.45
CA GLU H 33 0.79 -1.15 29.00
C GLU H 33 0.89 -1.97 27.73
N SER H 34 0.08 -3.03 27.67
CA SER H 34 -0.05 -3.88 26.50
C SER H 34 -1.46 -4.47 26.51
N TYR H 35 -1.72 -5.43 25.64
CA TYR H 35 -3.01 -6.11 25.63
C TYR H 35 -2.96 -7.56 26.13
N ALA H 36 -1.92 -7.96 26.86
CA ALA H 36 -1.67 -9.38 27.09
C ALA H 36 -2.70 -10.04 28.00
N ILE H 37 -3.18 -9.34 29.03
CA ILE H 37 -4.13 -9.98 29.94
C ILE H 37 -5.53 -10.08 29.34
N TYR H 38 -5.93 -9.15 28.48
CA TYR H 38 -7.22 -9.25 27.83
C TYR H 38 -7.22 -10.31 26.74
N VAL H 39 -6.13 -10.41 25.99
CA VAL H 39 -5.97 -11.49 25.02
C VAL H 39 -5.94 -12.84 25.73
N TYR H 40 -5.38 -12.88 26.94
CA TYR H 40 -5.36 -14.12 27.68
C TYR H 40 -6.73 -14.49 28.25
N LYS H 41 -7.52 -13.49 28.67
CA LYS H 41 -8.90 -13.76 29.08
C LYS H 41 -9.76 -14.25 27.92
N VAL H 42 -9.57 -13.66 26.73
CA VAL H 42 -10.29 -14.10 25.55
C VAL H 42 -9.91 -15.52 25.18
N LEU H 43 -8.62 -15.84 25.23
CA LEU H 43 -8.13 -17.18 24.95
C LEU H 43 -8.65 -18.18 25.98
N LYS H 44 -8.74 -17.78 27.24
CA LYS H 44 -9.20 -18.70 28.26
C LYS H 44 -10.71 -18.86 28.25
N GLN H 45 -11.45 -17.96 27.60
CA GLN H 45 -12.87 -18.25 27.41
C GLN H 45 -13.18 -18.94 26.09
N VAL H 46 -12.29 -18.95 25.10
CA VAL H 46 -12.55 -19.72 23.88
C VAL H 46 -12.03 -21.16 24.00
N HIS H 47 -10.75 -21.31 24.37
CA HIS H 47 -10.10 -22.61 24.56
C HIS H 47 -9.59 -22.68 26.00
N PRO H 48 -10.35 -23.29 26.91
CA PRO H 48 -10.02 -23.19 28.35
C PRO H 48 -8.76 -23.95 28.78
N ASP H 49 -8.20 -24.81 27.93
CA ASP H 49 -7.02 -25.57 28.30
C ASP H 49 -5.82 -25.28 27.41
N THR H 50 -5.96 -24.36 26.45
CA THR H 50 -4.86 -24.00 25.57
C THR H 50 -4.25 -22.71 26.07
N GLY H 51 -2.92 -22.67 26.17
CA GLY H 51 -2.20 -21.47 26.51
C GLY H 51 -1.54 -20.82 25.31
N ILE H 52 -0.65 -19.86 25.60
CA ILE H 52 -0.01 -19.06 24.57
C ILE H 52 1.44 -18.82 24.96
N SER H 53 2.28 -18.59 23.95
CA SER H 53 3.68 -18.29 24.16
C SER H 53 3.91 -16.78 24.28
N SER H 54 5.14 -16.42 24.67
CA SER H 54 5.47 -15.01 24.79
C SER H 54 5.60 -14.34 23.42
N LYS H 55 6.19 -15.05 22.45
CA LYS H 55 6.28 -14.52 21.10
C LYS H 55 4.90 -14.44 20.45
N ALA H 56 4.04 -15.42 20.73
CA ALA H 56 2.68 -15.37 20.21
C ALA H 56 1.88 -14.29 20.89
N MET H 57 2.14 -14.03 22.18
CA MET H 57 1.47 -12.93 22.86
C MET H 57 1.93 -11.57 22.32
N SER H 58 3.21 -11.47 21.94
CA SER H 58 3.70 -10.25 21.30
C SER H 58 3.08 -10.06 19.92
N ILE H 59 2.90 -11.14 19.19
CA ILE H 59 2.25 -11.06 17.87
C ILE H 59 0.79 -10.66 18.02
N MET H 60 0.10 -11.18 19.03
CA MET H 60 -1.28 -10.80 19.23
C MET H 60 -1.42 -9.36 19.73
N ASN H 61 -0.43 -8.89 20.51
CA ASN H 61 -0.43 -7.48 20.92
C ASN H 61 -0.19 -6.56 19.74
N SER H 62 0.76 -6.91 18.86
CA SER H 62 0.99 -6.14 17.64
C SER H 62 -0.23 -6.16 16.73
N PHE H 63 -0.94 -7.29 16.68
CA PHE H 63 -2.13 -7.39 15.85
C PHE H 63 -3.25 -6.49 16.37
N VAL H 64 -3.43 -6.45 17.69
CA VAL H 64 -4.49 -5.64 18.26
C VAL H 64 -4.17 -4.16 18.11
N ASN H 65 -2.90 -3.78 18.32
CA ASN H 65 -2.49 -2.39 18.06
C ASN H 65 -2.63 -2.01 16.60
N ASP H 66 -2.35 -2.95 15.69
CA ASP H 66 -2.44 -2.67 14.26
C ASP H 66 -3.87 -2.42 13.82
N VAL H 67 -4.78 -3.34 14.13
CA VAL H 67 -6.16 -3.12 13.68
C VAL H 67 -6.85 -2.04 14.50
N PHE H 68 -6.38 -1.73 15.70
CA PHE H 68 -6.83 -0.54 16.42
C PHE H 68 -6.45 0.71 15.64
N GLU H 69 -5.18 0.80 15.22
CA GLU H 69 -4.74 1.98 14.48
C GLU H 69 -5.39 2.07 13.11
N ARG H 70 -5.79 0.95 12.51
CA ARG H 70 -6.49 1.01 11.24
C ARG H 70 -7.92 1.50 11.41
N ILE H 71 -8.65 0.96 12.40
CA ILE H 71 -10.04 1.38 12.57
C ILE H 71 -10.09 2.82 13.06
N ALA H 72 -9.14 3.21 13.92
CA ALA H 72 -9.13 4.59 14.42
C ALA H 72 -8.70 5.57 13.33
N GLY H 73 -7.76 5.19 12.46
CA GLY H 73 -7.34 6.07 11.40
C GLY H 73 -8.30 6.11 10.24
N GLU H 74 -9.22 5.15 10.15
CA GLU H 74 -10.30 5.27 9.20
C GLU H 74 -11.48 6.05 9.75
N ALA H 75 -11.74 5.93 11.06
CA ALA H 75 -12.79 6.74 11.68
C ALA H 75 -12.39 8.20 11.73
N SER H 76 -11.10 8.48 11.93
CA SER H 76 -10.60 9.85 11.88
C SER H 76 -10.79 10.47 10.50
N ARG H 77 -10.51 9.69 9.44
CA ARG H 77 -10.76 10.17 8.09
C ARG H 77 -12.24 10.34 7.81
N LEU H 78 -13.09 9.44 8.32
CA LEU H 78 -14.52 9.61 8.10
C LEU H 78 -15.07 10.83 8.82
N ALA H 79 -14.54 11.14 10.00
CA ALA H 79 -14.93 12.36 10.69
C ALA H 79 -14.41 13.60 9.97
N HIS H 80 -13.20 13.52 9.41
CA HIS H 80 -12.63 14.66 8.70
C HIS H 80 -13.34 14.92 7.36
N TYR H 81 -13.78 13.86 6.67
CA TYR H 81 -14.40 14.04 5.36
C TYR H 81 -15.78 14.68 5.45
N ASN H 82 -16.47 14.53 6.57
CA ASN H 82 -17.81 15.04 6.71
C ASN H 82 -17.87 16.31 7.54
N LYS H 83 -16.71 16.92 7.81
CA LYS H 83 -16.57 18.16 8.60
C LYS H 83 -17.12 17.97 10.01
N ARG H 84 -16.94 16.77 10.56
CA ARG H 84 -17.34 16.45 11.91
C ARG H 84 -16.12 16.45 12.81
N SER H 85 -16.38 16.64 14.11
CA SER H 85 -15.31 16.64 15.08
C SER H 85 -15.49 15.56 16.14
N THR H 86 -16.47 14.67 15.99
CA THR H 86 -16.70 13.60 16.94
C THR H 86 -16.57 12.26 16.26
N ILE H 87 -15.81 11.36 16.88
CA ILE H 87 -15.83 9.96 16.54
C ILE H 87 -16.93 9.31 17.34
N THR H 88 -17.92 8.77 16.67
CA THR H 88 -19.03 8.09 17.33
C THR H 88 -18.99 6.62 16.93
N SER H 89 -19.94 5.85 17.46
CA SER H 89 -20.02 4.45 17.09
C SER H 89 -20.47 4.24 15.66
N ARG H 90 -21.10 5.26 15.05
CA ARG H 90 -21.41 5.19 13.63
C ARG H 90 -20.16 5.36 12.75
N GLU H 91 -19.23 6.23 13.16
CA GLU H 91 -17.93 6.28 12.48
C GLU H 91 -17.13 4.99 12.66
N ILE H 92 -17.17 4.41 13.86
CA ILE H 92 -16.45 3.16 14.10
C ILE H 92 -17.10 2.02 13.32
N GLN H 93 -18.42 2.04 13.18
CA GLN H 93 -19.12 1.00 12.42
C GLN H 93 -18.84 1.12 10.93
N THR H 94 -18.80 2.35 10.42
CA THR H 94 -18.44 2.56 9.03
C THR H 94 -16.99 2.19 8.75
N ALA H 95 -16.08 2.49 9.69
CA ALA H 95 -14.70 2.08 9.52
C ALA H 95 -14.53 0.57 9.57
N VAL H 96 -15.34 -0.12 10.38
CA VAL H 96 -15.29 -1.58 10.42
C VAL H 96 -15.81 -2.17 9.12
N ARG H 97 -16.90 -1.61 8.58
CA ARG H 97 -17.41 -2.07 7.29
C ARG H 97 -16.48 -1.72 6.13
N LEU H 98 -15.66 -0.69 6.26
CA LEU H 98 -14.68 -0.40 5.21
C LEU H 98 -13.45 -1.29 5.31
N LEU H 99 -13.00 -1.61 6.52
CA LEU H 99 -11.73 -2.33 6.67
C LEU H 99 -11.88 -3.84 6.74
N LEU H 100 -13.01 -4.34 7.23
CA LEU H 100 -12.98 -5.78 7.37
C LEU H 100 -13.62 -6.46 6.16
N PRO H 101 -13.05 -7.58 5.72
CA PRO H 101 -13.54 -8.24 4.50
C PRO H 101 -14.66 -9.22 4.75
N GLY H 102 -15.75 -9.10 3.98
CA GLY H 102 -16.75 -10.14 3.89
C GLY H 102 -17.61 -10.30 5.13
N GLU H 103 -17.59 -11.48 5.74
CA GLU H 103 -18.41 -11.74 6.92
C GLU H 103 -17.71 -11.41 8.21
N LEU H 104 -16.47 -10.92 8.14
CA LEU H 104 -15.88 -10.27 9.31
C LEU H 104 -16.58 -8.96 9.59
N ALA H 105 -16.86 -8.18 8.55
CA ALA H 105 -17.54 -6.92 8.79
C ALA H 105 -19.02 -7.09 9.05
N LYS H 106 -19.55 -8.30 8.92
CA LYS H 106 -20.92 -8.58 9.34
C LYS H 106 -20.98 -9.01 10.80
N HIS H 107 -20.08 -9.92 11.20
CA HIS H 107 -20.12 -10.36 12.59
C HIS H 107 -19.49 -9.36 13.55
N ALA H 108 -18.52 -8.56 13.10
CA ALA H 108 -17.95 -7.57 14.01
C ALA H 108 -18.90 -6.40 14.22
N VAL H 109 -19.65 -6.04 13.19
CA VAL H 109 -20.69 -5.03 13.33
C VAL H 109 -21.81 -5.53 14.24
N SER H 110 -22.18 -6.83 14.13
CA SER H 110 -23.20 -7.36 15.02
C SER H 110 -22.73 -7.43 16.46
N GLU H 111 -21.48 -7.84 16.69
CA GLU H 111 -20.90 -7.86 18.04
C GLU H 111 -20.82 -6.47 18.64
N GLY H 112 -20.35 -5.49 17.86
CA GLY H 112 -20.22 -4.14 18.37
C GLY H 112 -21.57 -3.47 18.64
N THR H 113 -22.55 -3.71 17.77
CA THR H 113 -23.89 -3.17 17.98
C THR H 113 -24.52 -3.78 19.22
N LYS H 114 -24.32 -5.09 19.44
CA LYS H 114 -24.82 -5.75 20.63
C LYS H 114 -24.16 -5.21 21.89
N ALA H 115 -22.85 -4.96 21.84
CA ALA H 115 -22.15 -4.46 23.02
C ALA H 115 -22.53 -3.02 23.33
N VAL H 116 -22.68 -2.17 22.31
CA VAL H 116 -23.09 -0.78 22.54
C VAL H 116 -24.53 -0.72 23.04
N THR H 117 -25.38 -1.61 22.53
CA THR H 117 -26.78 -1.68 22.97
C THR H 117 -26.87 -2.10 24.43
N LYS H 118 -26.13 -3.12 24.83
CA LYS H 118 -26.20 -3.52 26.22
C LYS H 118 -25.35 -2.63 27.13
N TYR H 119 -24.45 -1.82 26.58
CA TYR H 119 -23.72 -0.84 27.37
C TYR H 119 -24.58 0.38 27.69
N THR H 120 -25.43 0.81 26.75
CA THR H 120 -26.29 1.95 27.00
C THR H 120 -27.43 1.62 27.96
N SER H 121 -27.70 0.34 28.18
CA SER H 121 -28.63 -0.07 29.23
C SER H 121 -27.92 -0.18 30.57
#